data_9J22
#
_entry.id   9J22
#
_cell.length_a   1.00
_cell.length_b   1.00
_cell.length_c   1.00
_cell.angle_alpha   90.00
_cell.angle_beta   90.00
_cell.angle_gamma   90.00
#
_symmetry.space_group_name_H-M   'P 1'
#
loop_
_entity.id
_entity.type
_entity.pdbx_description
1 polymer 'Urea transporter 1'
2 non-polymer UREA
3 non-polymer 'PALMITIC ACID'
#
_entity_poly.entity_id   1
_entity_poly.type   'polypeptide(L)'
_entity_poly.pdbx_seq_one_letter_code
;MEDSPTMVRVDSPTMVRGENQVSPCQGRRCFPKALGYVTGDMKELANQLKDKPVVLQFIDWILRGISQVVFVNNPVSGIL
ILVGLLVQNPWWALTGWLGTVVSTLMALLLSQDRSLIASGLYGYNATLVGVLMAVFSDKGDYFWWLLLPVCAMSMTCPIF
SSALNSMLSKWDLPVFTLPFNMALSMYLSATGHYNPFFPAKLVIPITTAPQISWSDLSALELLKSIPVGVGQIYGCDNPW
TGGIFLGAILLSSPLMCLHAAIGSLLGIAAGLSLSAPFEDIYFGLWGFNSSLACIAMGGMFMALTWQTHLLALGCALFTA
YLGVGMANFMAEVGLPACTWPFCLATLLFLIMTTKNSNIYKMPLSKVTYPEENRIFYLQAKKRMVESPL
;
_entity_poly.pdbx_strand_id   A,B,C
#
loop_
_chem_comp.id
_chem_comp.type
_chem_comp.name
_chem_comp.formula
PLM non-polymer 'PALMITIC ACID' 'C16 H32 O2'
URE non-polymer UREA 'C H4 N2 O'
#
# COMPACT_ATOMS: atom_id res chain seq x y z
N GLY A 36 -15.88 -40.20 12.84
CA GLY A 36 -16.86 -39.15 13.06
C GLY A 36 -16.52 -38.25 14.22
N TYR A 37 -15.82 -38.81 15.21
CA TYR A 37 -15.41 -38.04 16.38
C TYR A 37 -14.24 -37.11 16.07
N VAL A 38 -13.40 -37.47 15.09
CA VAL A 38 -12.23 -36.68 14.74
C VAL A 38 -12.45 -35.82 13.50
N THR A 39 -13.62 -35.88 12.89
CA THR A 39 -13.91 -35.11 11.69
C THR A 39 -14.43 -33.72 12.06
N GLY A 40 -14.34 -32.80 11.09
CA GLY A 40 -14.83 -31.46 11.32
C GLY A 40 -13.89 -30.66 12.21
N ASP A 41 -14.48 -29.81 13.05
CA ASP A 41 -13.73 -28.99 13.99
C ASP A 41 -13.51 -29.68 15.33
N MET A 42 -14.09 -30.87 15.52
CA MET A 42 -13.99 -31.62 16.77
C MET A 42 -14.47 -30.78 17.95
N LYS A 43 -15.75 -30.40 17.88
CA LYS A 43 -16.33 -29.58 18.93
C LYS A 43 -16.48 -30.34 20.24
N GLU A 44 -16.72 -31.66 20.16
CA GLU A 44 -16.85 -32.46 21.37
C GLU A 44 -15.56 -32.49 22.17
N LEU A 45 -14.42 -32.60 21.48
CA LEU A 45 -13.14 -32.58 22.18
C LEU A 45 -12.91 -31.25 22.87
N ALA A 46 -13.26 -30.14 22.20
CA ALA A 46 -13.10 -28.83 22.82
C ALA A 46 -14.01 -28.68 24.04
N ASN A 47 -15.25 -29.17 23.93
CA ASN A 47 -16.17 -29.10 25.07
C ASN A 47 -15.65 -29.93 26.24
N GLN A 48 -15.09 -31.11 25.95
CA GLN A 48 -14.54 -31.94 27.02
C GLN A 48 -13.28 -31.35 27.62
N LEU A 49 -12.47 -30.66 26.83
CA LEU A 49 -11.24 -30.06 27.31
C LEU A 49 -11.44 -28.71 27.98
N LYS A 50 -12.63 -28.11 27.84
CA LYS A 50 -12.87 -26.80 28.43
C LYS A 50 -12.74 -26.81 29.95
N ASP A 51 -12.89 -27.97 30.60
CA ASP A 51 -12.76 -28.07 32.04
C ASP A 51 -11.55 -28.92 32.45
N LYS A 52 -10.61 -29.13 31.53
CA LYS A 52 -9.42 -29.92 31.81
C LYS A 52 -8.29 -29.01 32.27
N PRO A 53 -7.20 -29.59 32.78
CA PRO A 53 -6.04 -28.76 33.14
C PRO A 53 -5.51 -28.00 31.92
N VAL A 54 -4.98 -26.81 32.18
CA VAL A 54 -4.62 -25.88 31.12
C VAL A 54 -3.47 -26.37 30.25
N VAL A 55 -2.72 -27.37 30.69
CA VAL A 55 -1.64 -27.90 29.85
C VAL A 55 -2.21 -28.63 28.64
N LEU A 56 -3.22 -29.49 28.86
CA LEU A 56 -3.87 -30.17 27.75
C LEU A 56 -4.57 -29.17 26.83
N GLN A 57 -5.19 -28.15 27.41
CA GLN A 57 -5.82 -27.11 26.62
C GLN A 57 -4.80 -26.38 25.75
N PHE A 58 -3.62 -26.08 26.32
CA PHE A 58 -2.58 -25.41 25.56
C PHE A 58 -2.07 -26.31 24.43
N ILE A 59 -1.91 -27.61 24.69
CA ILE A 59 -1.50 -28.52 23.63
C ILE A 59 -2.53 -28.55 22.51
N ASP A 60 -3.82 -28.60 22.88
CA ASP A 60 -4.88 -28.56 21.88
C ASP A 60 -4.85 -27.27 21.08
N TRP A 61 -4.60 -26.14 21.76
CA TRP A 61 -4.52 -24.87 21.06
C TRP A 61 -3.37 -24.85 20.07
N ILE A 62 -2.22 -25.41 20.47
CA ILE A 62 -1.06 -25.44 19.57
C ILE A 62 -1.37 -26.31 18.35
N LEU A 63 -2.00 -27.46 18.57
CA LEU A 63 -2.35 -28.33 17.45
C LEU A 63 -3.34 -27.66 16.51
N ARG A 64 -4.35 -26.99 17.07
CA ARG A 64 -5.33 -26.29 16.24
C ARG A 64 -4.68 -25.14 15.48
N GLY A 65 -3.75 -24.43 16.11
CA GLY A 65 -3.03 -23.38 15.40
C GLY A 65 -2.17 -23.92 14.27
N ILE A 66 -1.55 -25.08 14.49
CA ILE A 66 -0.81 -25.72 13.41
C ILE A 66 -1.74 -26.07 12.25
N SER A 67 -2.91 -26.60 12.57
CA SER A 67 -3.84 -27.02 11.52
C SER A 67 -4.49 -25.84 10.81
N GLN A 68 -4.59 -24.68 11.48
CA GLN A 68 -5.36 -23.56 10.95
C GLN A 68 -4.68 -22.85 9.78
N VAL A 69 -3.49 -23.28 9.37
CA VAL A 69 -2.87 -22.70 8.18
C VAL A 69 -3.70 -22.96 6.94
N VAL A 70 -4.35 -24.13 6.87
CA VAL A 70 -5.15 -24.52 5.72
C VAL A 70 -6.63 -24.39 6.06
N PHE A 71 -6.94 -23.48 7.00
CA PHE A 71 -8.33 -23.22 7.43
C PHE A 71 -8.96 -24.48 8.02
N VAL A 72 -8.20 -25.19 8.85
CA VAL A 72 -8.66 -26.43 9.48
C VAL A 72 -8.56 -26.25 11.00
N ASN A 73 -9.67 -26.54 11.69
CA ASN A 73 -9.74 -26.43 13.15
C ASN A 73 -9.70 -27.79 13.82
N ASN A 74 -8.90 -28.72 13.30
CA ASN A 74 -8.85 -30.09 13.79
C ASN A 74 -7.50 -30.36 14.45
N PRO A 75 -7.46 -30.65 15.75
CA PRO A 75 -6.17 -31.00 16.38
C PRO A 75 -5.54 -32.26 15.80
N VAL A 76 -6.34 -33.24 15.37
CA VAL A 76 -5.77 -34.43 14.75
C VAL A 76 -5.16 -34.08 13.40
N SER A 77 -5.80 -33.17 12.65
CA SER A 77 -5.19 -32.67 11.44
C SER A 77 -3.91 -31.90 11.74
N GLY A 78 -3.86 -31.22 12.87
CA GLY A 78 -2.61 -30.59 13.29
C GLY A 78 -1.51 -31.60 13.55
N ILE A 79 -1.86 -32.71 14.19
CA ILE A 79 -0.88 -33.78 14.42
C ILE A 79 -0.41 -34.36 13.09
N LEU A 80 -1.34 -34.57 12.16
CA LEU A 80 -0.95 -35.08 10.84
C LEU A 80 -0.05 -34.10 10.10
N ILE A 81 -0.34 -32.81 10.20
CA ILE A 81 0.50 -31.80 9.55
C ILE A 81 1.88 -31.76 10.19
N LEU A 82 1.95 -31.93 11.51
CA LEU A 82 3.23 -32.01 12.18
C LEU A 82 4.02 -33.24 11.71
N VAL A 83 3.34 -34.36 11.53
CA VAL A 83 4.00 -35.56 11.02
C VAL A 83 4.52 -35.32 9.62
N GLY A 84 3.74 -34.67 8.77
CA GLY A 84 4.21 -34.36 7.43
C GLY A 84 5.40 -33.42 7.43
N LEU A 85 5.39 -32.42 8.30
CA LEU A 85 6.53 -31.52 8.43
C LEU A 85 7.77 -32.26 8.89
N LEU A 86 7.61 -33.18 9.85
CA LEU A 86 8.74 -34.00 10.30
C LEU A 86 9.26 -34.88 9.16
N VAL A 87 8.35 -35.39 8.32
CA VAL A 87 8.77 -36.18 7.17
C VAL A 87 9.58 -35.33 6.21
N GLN A 88 9.14 -34.09 5.98
CA GLN A 88 9.90 -33.19 5.10
C GLN A 88 11.22 -32.78 5.76
N ASN A 89 11.15 -32.13 6.91
CA ASN A 89 12.35 -31.68 7.62
C ASN A 89 12.06 -31.52 9.10
N PRO A 90 12.71 -32.30 9.98
CA PRO A 90 12.47 -32.13 11.42
C PRO A 90 12.83 -30.75 11.94
N TRP A 91 13.86 -30.12 11.37
CA TRP A 91 14.23 -28.78 11.80
C TRP A 91 13.12 -27.78 11.52
N TRP A 92 12.49 -27.89 10.34
CA TRP A 92 11.38 -27.01 10.00
C TRP A 92 10.20 -27.23 10.93
N ALA A 93 9.91 -28.50 11.25
CA ALA A 93 8.83 -28.79 12.19
C ALA A 93 9.11 -28.21 13.56
N LEU A 94 10.37 -28.32 14.02
CA LEU A 94 10.73 -27.76 15.31
C LEU A 94 10.56 -26.25 15.32
N THR A 95 11.02 -25.57 14.27
CA THR A 95 10.88 -24.13 14.20
C THR A 95 9.41 -23.71 14.17
N GLY A 96 8.58 -24.43 13.40
CA GLY A 96 7.17 -24.10 13.35
C GLY A 96 6.47 -24.33 14.68
N TRP A 97 6.78 -25.43 15.36
CA TRP A 97 6.19 -25.69 16.66
C TRP A 97 6.60 -24.63 17.67
N LEU A 98 7.88 -24.25 17.66
CA LEU A 98 8.34 -23.21 18.58
C LEU A 98 7.66 -21.88 18.29
N GLY A 99 7.51 -21.54 17.01
CA GLY A 99 6.82 -20.30 16.67
C GLY A 99 5.37 -20.30 17.12
N THR A 100 4.66 -21.41 16.89
CA THR A 100 3.28 -21.51 17.33
C THR A 100 3.16 -21.37 18.84
N VAL A 101 4.04 -22.05 19.58
CA VAL A 101 3.98 -22.01 21.04
C VAL A 101 4.25 -20.60 21.54
N VAL A 102 5.27 -19.94 20.99
CA VAL A 102 5.61 -18.59 21.43
C VAL A 102 4.49 -17.62 21.10
N SER A 103 3.89 -17.75 19.91
CA SER A 103 2.80 -16.86 19.53
C SER A 103 1.59 -17.05 20.44
N THR A 104 1.24 -18.30 20.74
CA THR A 104 0.11 -18.54 21.64
C THR A 104 0.38 -17.99 23.03
N LEU A 105 1.59 -18.19 23.54
CA LEU A 105 1.94 -17.66 24.86
C LEU A 105 1.88 -16.14 24.87
N MET A 106 2.36 -15.49 23.80
CA MET A 106 2.36 -14.04 23.76
C MET A 106 0.93 -13.50 23.61
N ALA A 107 0.09 -14.18 22.84
CA ALA A 107 -1.31 -13.78 22.73
C ALA A 107 -2.03 -13.93 24.07
N LEU A 108 -1.70 -14.98 24.82
CA LEU A 108 -2.22 -15.09 26.18
C LEU A 108 -1.72 -13.96 27.07
N LEU A 109 -0.45 -13.58 26.91
CA LEU A 109 0.11 -12.50 27.72
C LEU A 109 -0.51 -11.15 27.37
N LEU A 110 -0.94 -10.97 26.12
CA LEU A 110 -1.53 -9.72 25.67
C LEU A 110 -3.03 -9.64 25.94
N SER A 111 -3.60 -10.64 26.61
CA SER A 111 -5.02 -10.65 26.96
C SER A 111 -5.90 -10.52 25.73
N GLN A 112 -5.60 -11.30 24.71
CA GLN A 112 -6.43 -11.35 23.51
C GLN A 112 -7.67 -12.20 23.78
N ASP A 113 -8.54 -12.28 22.78
CA ASP A 113 -9.77 -13.04 22.94
C ASP A 113 -9.47 -14.51 23.14
N ARG A 114 -9.99 -15.08 24.24
CA ARG A 114 -9.73 -16.48 24.54
C ARG A 114 -10.38 -17.41 23.53
N SER A 115 -11.52 -17.02 22.96
CA SER A 115 -12.17 -17.85 21.97
C SER A 115 -11.31 -18.00 20.73
N LEU A 116 -10.66 -16.91 20.29
CA LEU A 116 -9.79 -16.99 19.12
C LEU A 116 -8.54 -17.82 19.42
N ILE A 117 -7.99 -17.69 20.62
CA ILE A 117 -6.81 -18.45 21.00
C ILE A 117 -7.14 -19.95 21.06
N ALA A 118 -8.32 -20.29 21.57
CA ALA A 118 -8.71 -21.68 21.69
C ALA A 118 -8.89 -22.35 20.33
N SER A 119 -9.30 -21.59 19.32
CA SER A 119 -9.51 -22.11 17.99
C SER A 119 -8.25 -22.07 17.12
N GLY A 120 -7.12 -21.66 17.68
CA GLY A 120 -5.88 -21.63 16.95
C GLY A 120 -5.66 -20.42 16.07
N LEU A 121 -6.54 -19.42 16.13
CA LEU A 121 -6.41 -18.24 15.30
C LEU A 121 -5.27 -17.33 15.75
N TYR A 122 -4.70 -17.57 16.93
CA TYR A 122 -3.53 -16.84 17.41
C TYR A 122 -2.40 -17.85 17.52
N GLY A 123 -1.68 -18.04 16.41
CA GLY A 123 -0.59 -18.98 16.38
C GLY A 123 -0.43 -19.70 15.06
N TYR A 124 -1.42 -19.59 14.18
CA TYR A 124 -1.30 -20.21 12.86
C TYR A 124 -0.41 -19.39 11.93
N ASN A 125 -0.30 -18.08 12.15
CA ASN A 125 0.63 -17.28 11.35
C ASN A 125 2.07 -17.51 11.77
N ALA A 126 2.31 -17.72 13.07
CA ALA A 126 3.67 -17.93 13.54
C ALA A 126 4.21 -19.31 13.18
N THR A 127 3.34 -20.29 12.99
CA THR A 127 3.80 -21.57 12.43
C THR A 127 4.45 -21.35 11.08
N LEU A 128 3.76 -20.62 10.19
CA LEU A 128 4.33 -20.29 8.89
C LEU A 128 5.57 -19.42 9.04
N VAL A 129 5.55 -18.47 9.97
CA VAL A 129 6.70 -17.59 10.16
C VAL A 129 7.94 -18.41 10.49
N GLY A 130 7.83 -19.31 11.47
CA GLY A 130 8.97 -20.13 11.85
C GLY A 130 9.40 -21.09 10.77
N VAL A 131 8.44 -21.77 10.13
CA VAL A 131 8.78 -22.76 9.12
C VAL A 131 9.48 -22.10 7.93
N LEU A 132 8.95 -20.97 7.45
CA LEU A 132 9.56 -20.28 6.32
C LEU A 132 10.82 -19.53 6.70
N MET A 133 10.99 -19.14 7.97
CA MET A 133 12.27 -18.60 8.40
C MET A 133 13.35 -19.68 8.37
N ALA A 134 13.00 -20.90 8.77
CA ALA A 134 13.93 -22.02 8.60
C ALA A 134 14.15 -22.34 7.12
N VAL A 135 13.11 -22.18 6.30
CA VAL A 135 13.23 -22.50 4.88
C VAL A 135 14.13 -21.51 4.17
N PHE A 136 13.94 -20.22 4.43
CA PHE A 136 14.67 -19.15 3.75
C PHE A 136 15.97 -18.78 4.45
N SER A 137 16.53 -19.69 5.25
CA SER A 137 17.79 -19.44 5.93
C SER A 137 18.95 -19.96 5.09
N ASP A 138 20.02 -19.18 5.04
CA ASP A 138 21.20 -19.53 4.25
C ASP A 138 22.25 -20.28 5.05
N LYS A 139 22.00 -20.58 6.32
CA LYS A 139 22.97 -21.24 7.18
C LYS A 139 22.71 -22.72 7.37
N GLY A 140 21.84 -23.31 6.55
CA GLY A 140 21.59 -24.73 6.61
C GLY A 140 20.64 -25.12 7.74
N ASP A 141 20.57 -26.43 7.96
CA ASP A 141 19.65 -26.99 8.94
C ASP A 141 20.27 -26.96 10.34
N TYR A 142 19.39 -26.94 11.34
CA TYR A 142 19.77 -27.00 12.75
C TYR A 142 20.73 -25.87 13.12
N PHE A 143 20.45 -24.68 12.60
CA PHE A 143 21.15 -23.47 13.03
C PHE A 143 20.45 -22.96 14.27
N TRP A 144 20.99 -23.30 15.45
CA TRP A 144 20.30 -23.04 16.70
C TRP A 144 20.12 -21.55 16.97
N TRP A 145 21.05 -20.71 16.53
CA TRP A 145 20.89 -19.27 16.71
C TRP A 145 19.64 -18.73 16.04
N LEU A 146 19.19 -19.37 14.95
CA LEU A 146 17.96 -18.96 14.30
C LEU A 146 16.74 -19.10 15.19
N LEU A 147 16.84 -19.87 16.28
CA LEU A 147 15.75 -19.94 17.24
C LEU A 147 15.52 -18.62 17.95
N LEU A 148 16.50 -17.71 17.94
CA LEU A 148 16.33 -16.43 18.61
C LEU A 148 15.46 -15.48 17.80
N PRO A 149 15.77 -15.20 16.52
CA PRO A 149 14.87 -14.33 15.75
C PRO A 149 13.48 -14.91 15.58
N VAL A 150 13.35 -16.23 15.44
CA VAL A 150 12.04 -16.84 15.22
C VAL A 150 11.09 -16.46 16.35
N CYS A 151 11.53 -16.69 17.59
CA CYS A 151 10.72 -16.29 18.74
C CYS A 151 10.37 -14.81 18.66
N ALA A 152 11.35 -13.97 18.33
CA ALA A 152 11.08 -12.54 18.21
C ALA A 152 9.98 -12.28 17.19
N MET A 153 10.06 -12.93 16.03
CA MET A 153 9.01 -12.76 15.05
C MET A 153 7.70 -13.37 15.54
N SER A 154 7.77 -14.49 16.24
CA SER A 154 6.59 -15.07 16.86
C SER A 154 6.04 -14.16 17.95
N MET A 155 6.85 -13.24 18.46
CA MET A 155 6.35 -12.25 19.41
C MET A 155 5.51 -11.19 18.73
N THR A 156 5.72 -10.98 17.43
CA THR A 156 4.99 -9.95 16.70
C THR A 156 3.78 -10.50 15.94
N CYS A 157 3.69 -11.82 15.77
CA CYS A 157 2.56 -12.39 15.05
C CYS A 157 1.22 -12.11 15.72
N PRO A 158 1.05 -12.24 17.04
CA PRO A 158 -0.24 -11.86 17.63
C PRO A 158 -0.60 -10.40 17.40
N ILE A 159 0.35 -9.48 17.67
CA ILE A 159 0.07 -8.06 17.54
C ILE A 159 -0.45 -7.75 16.14
N PHE A 160 0.32 -8.14 15.12
CA PHE A 160 -0.13 -7.99 13.74
C PHE A 160 -1.56 -8.48 13.59
N SER A 161 -1.82 -9.74 13.99
CA SER A 161 -3.15 -10.30 13.85
C SER A 161 -4.18 -9.38 14.50
N SER A 162 -3.94 -9.02 15.77
CA SER A 162 -4.88 -8.13 16.44
C SER A 162 -5.04 -6.83 15.68
N ALA A 163 -3.92 -6.21 15.30
CA ALA A 163 -3.99 -4.94 14.60
C ALA A 163 -4.71 -5.09 13.27
N LEU A 164 -4.61 -6.27 12.64
CA LEU A 164 -5.35 -6.47 11.42
C LEU A 164 -6.79 -6.84 11.69
N ASN A 165 -7.04 -7.63 12.74
CA ASN A 165 -8.41 -8.12 12.96
C ASN A 165 -9.36 -6.97 13.22
N SER A 166 -9.01 -6.08 14.15
CA SER A 166 -9.87 -4.94 14.44
C SER A 166 -10.06 -4.06 13.22
N MET A 167 -9.15 -4.13 12.25
CA MET A 167 -9.35 -3.39 11.01
C MET A 167 -10.24 -4.15 10.03
N LEU A 168 -10.07 -5.48 9.95
CA LEU A 168 -10.79 -6.25 8.93
C LEU A 168 -12.14 -6.75 9.42
N SER A 169 -12.34 -6.87 10.74
CA SER A 169 -13.64 -7.28 11.25
C SER A 169 -14.71 -6.22 11.05
N LYS A 170 -14.31 -4.97 10.81
CA LYS A 170 -15.28 -3.92 10.52
C LYS A 170 -16.02 -4.21 9.22
N TRP A 171 -15.31 -4.67 8.20
CA TRP A 171 -15.90 -5.02 6.91
C TRP A 171 -16.19 -6.51 6.79
N ASP A 172 -16.09 -7.26 7.89
CA ASP A 172 -16.42 -8.68 7.93
C ASP A 172 -15.54 -9.48 6.98
N LEU A 173 -14.22 -9.33 7.17
CA LEU A 173 -13.23 -10.02 6.35
C LEU A 173 -12.22 -10.71 7.25
N PRO A 174 -11.68 -11.84 6.81
CA PRO A 174 -10.63 -12.51 7.59
C PRO A 174 -9.27 -11.90 7.31
N VAL A 175 -8.33 -12.19 8.22
CA VAL A 175 -6.97 -11.70 8.06
C VAL A 175 -6.13 -12.61 7.18
N PHE A 176 -6.52 -13.87 7.03
CA PHE A 176 -5.79 -14.87 6.23
C PHE A 176 -4.36 -14.96 6.79
N THR A 177 -3.34 -15.02 5.93
CA THR A 177 -1.95 -15.06 6.36
C THR A 177 -1.27 -13.70 6.21
N LEU A 178 -2.03 -12.61 6.28
CA LEU A 178 -1.43 -11.28 6.21
C LEU A 178 -0.44 -11.00 7.34
N PRO A 179 -0.72 -11.33 8.62
CA PRO A 179 0.32 -11.13 9.64
C PRO A 179 1.61 -11.87 9.35
N PHE A 180 1.51 -13.12 8.89
CA PHE A 180 2.71 -13.87 8.57
C PHE A 180 3.46 -13.23 7.41
N ASN A 181 2.75 -12.78 6.38
CA ASN A 181 3.39 -12.16 5.24
C ASN A 181 4.11 -10.88 5.65
N MET A 182 3.45 -10.04 6.45
CA MET A 182 4.08 -8.80 6.90
C MET A 182 5.31 -9.09 7.76
N ALA A 183 5.19 -10.03 8.70
CA ALA A 183 6.32 -10.35 9.57
C ALA A 183 7.50 -10.91 8.78
N LEU A 184 7.23 -11.83 7.85
CA LEU A 184 8.31 -12.43 7.09
C LEU A 184 8.95 -11.42 6.14
N SER A 185 8.15 -10.56 5.52
CA SER A 185 8.73 -9.54 4.66
C SER A 185 9.61 -8.59 5.45
N MET A 186 9.15 -8.16 6.63
CA MET A 186 9.95 -7.26 7.45
C MET A 186 11.24 -7.93 7.91
N TYR A 187 11.16 -9.20 8.32
CA TYR A 187 12.35 -9.90 8.78
C TYR A 187 13.35 -10.11 7.66
N LEU A 188 12.88 -10.56 6.50
CA LEU A 188 13.78 -10.83 5.39
C LEU A 188 14.35 -9.56 4.78
N SER A 189 13.65 -8.43 4.91
CA SER A 189 14.25 -7.16 4.53
C SER A 189 15.30 -6.72 5.54
N ALA A 190 15.00 -6.89 6.83
CA ALA A 190 15.94 -6.47 7.87
C ALA A 190 17.25 -7.25 7.79
N THR A 191 17.16 -8.57 7.61
CA THR A 191 18.37 -9.39 7.58
C THR A 191 19.02 -9.36 6.19
N GLY A 192 18.31 -9.84 5.18
CA GLY A 192 18.85 -9.90 3.84
C GLY A 192 19.83 -11.04 3.67
N HIS A 193 20.41 -11.10 2.46
CA HIS A 193 21.37 -12.16 2.15
C HIS A 193 22.72 -11.91 2.78
N TYR A 194 23.09 -10.66 3.02
CA TYR A 194 24.42 -10.29 3.48
C TYR A 194 24.46 -9.95 4.96
N ASN A 195 23.55 -10.49 5.75
CA ASN A 195 23.58 -10.28 7.19
C ASN A 195 24.65 -11.16 7.81
N PRO A 196 25.54 -10.60 8.62
CA PRO A 196 26.57 -11.44 9.28
C PRO A 196 25.99 -12.50 10.19
N PHE A 197 24.84 -12.25 10.81
CA PHE A 197 24.29 -13.17 11.80
C PHE A 197 23.31 -14.17 11.18
N PHE A 198 22.27 -13.67 10.50
CA PHE A 198 21.22 -14.51 9.94
C PHE A 198 21.05 -14.20 8.45
N PRO A 199 21.97 -14.66 7.61
CA PRO A 199 21.81 -14.46 6.16
C PRO A 199 20.59 -15.22 5.64
N ALA A 200 19.96 -14.65 4.63
CA ALA A 200 18.79 -15.24 3.98
C ALA A 200 19.16 -15.71 2.58
N LYS A 201 18.39 -16.65 2.07
CA LYS A 201 18.63 -17.18 0.73
C LYS A 201 18.44 -16.07 -0.30
N LEU A 202 19.39 -15.98 -1.24
CA LEU A 202 19.35 -14.93 -2.24
C LEU A 202 18.20 -15.14 -3.21
N VAL A 203 17.49 -14.05 -3.54
CA VAL A 203 16.43 -14.06 -4.52
C VAL A 203 16.89 -13.23 -5.72
N ILE A 204 17.01 -13.86 -6.87
CA ILE A 204 17.52 -13.23 -8.08
C ILE A 204 16.35 -13.03 -9.03
N PRO A 205 16.10 -11.82 -9.50
CA PRO A 205 15.06 -11.61 -10.51
C PRO A 205 15.45 -12.26 -11.83
N ILE A 206 14.43 -12.60 -12.62
CA ILE A 206 14.68 -13.23 -13.92
C ILE A 206 15.40 -12.25 -14.83
N THR A 207 16.51 -12.70 -15.42
CA THR A 207 17.38 -11.88 -16.23
C THR A 207 17.33 -12.21 -17.71
N THR A 208 17.23 -13.49 -18.06
CA THR A 208 17.20 -13.93 -19.44
C THR A 208 15.92 -14.72 -19.72
N ALA A 209 15.55 -14.79 -20.98
CA ALA A 209 14.36 -15.52 -21.38
C ALA A 209 14.61 -17.02 -21.23
N PRO A 210 13.77 -17.74 -20.50
CA PRO A 210 13.99 -19.18 -20.32
C PRO A 210 13.79 -19.94 -21.63
N GLN A 211 14.56 -21.02 -21.77
CA GLN A 211 14.42 -21.93 -22.90
C GLN A 211 13.69 -23.17 -22.41
N ILE A 212 12.47 -23.38 -22.91
CA ILE A 212 11.62 -24.47 -22.46
C ILE A 212 11.53 -25.49 -23.58
N SER A 213 11.90 -26.74 -23.27
CA SER A 213 11.77 -27.85 -24.21
C SER A 213 10.44 -28.54 -23.93
N TRP A 214 9.42 -28.18 -24.71
CA TRP A 214 8.08 -28.71 -24.47
C TRP A 214 7.99 -30.21 -24.72
N SER A 215 8.95 -30.79 -25.44
CA SER A 215 8.97 -32.24 -25.63
C SER A 215 9.42 -32.97 -24.37
N ASP A 216 10.02 -32.26 -23.42
CA ASP A 216 10.47 -32.86 -22.17
C ASP A 216 9.42 -32.76 -21.07
N LEU A 217 8.25 -32.20 -21.35
CA LEU A 217 7.20 -32.13 -20.35
C LEU A 217 6.72 -33.53 -19.97
N SER A 218 6.63 -33.79 -18.68
CA SER A 218 6.29 -35.10 -18.15
C SER A 218 4.90 -35.05 -17.52
N ALA A 219 4.01 -35.92 -17.98
CA ALA A 219 2.68 -36.00 -17.39
C ALA A 219 2.73 -36.51 -15.95
N LEU A 220 3.64 -37.46 -15.68
CA LEU A 220 3.77 -37.98 -14.32
C LEU A 220 4.25 -36.89 -13.36
N GLU A 221 5.22 -36.09 -13.78
CA GLU A 221 5.69 -34.99 -12.94
C GLU A 221 4.60 -33.94 -12.75
N LEU A 222 3.83 -33.66 -13.79
CA LEU A 222 2.72 -32.71 -13.67
C LEU A 222 1.69 -33.21 -12.67
N LEU A 223 1.37 -34.50 -12.71
CA LEU A 223 0.43 -35.07 -11.75
C LEU A 223 1.00 -35.04 -10.33
N LYS A 224 2.29 -35.32 -10.20
CA LYS A 224 2.94 -35.34 -8.89
C LYS A 224 3.08 -33.94 -8.29
N SER A 225 3.09 -32.91 -9.13
CA SER A 225 3.21 -31.54 -8.62
C SER A 225 1.96 -31.06 -7.90
N ILE A 226 0.85 -31.78 -7.97
CA ILE A 226 -0.37 -31.39 -7.27
C ILE A 226 -0.18 -31.59 -5.76
N PRO A 227 0.21 -32.79 -5.28
CA PRO A 227 0.56 -32.90 -3.85
C PRO A 227 1.68 -31.97 -3.45
N VAL A 228 2.68 -31.78 -4.32
CA VAL A 228 3.77 -30.87 -4.00
C VAL A 228 3.26 -29.45 -3.90
N GLY A 229 2.35 -29.05 -4.79
CA GLY A 229 1.75 -27.74 -4.71
C GLY A 229 0.93 -27.53 -3.46
N VAL A 230 0.23 -28.58 -3.01
CA VAL A 230 -0.52 -28.47 -1.77
C VAL A 230 0.42 -28.38 -0.57
N GLY A 231 1.52 -29.15 -0.57
CA GLY A 231 2.44 -29.13 0.54
C GLY A 231 3.35 -27.92 0.58
N GLN A 232 3.47 -27.19 -0.53
CA GLN A 232 4.28 -25.98 -0.54
C GLN A 232 3.64 -24.83 0.23
N ILE A 233 2.42 -25.01 0.75
CA ILE A 233 1.83 -24.01 1.64
C ILE A 233 2.72 -23.81 2.86
N TYR A 234 3.28 -24.91 3.38
CA TYR A 234 4.25 -24.86 4.45
C TYR A 234 5.68 -24.81 3.94
N GLY A 235 5.90 -24.53 2.66
CA GLY A 235 7.23 -24.48 2.12
C GLY A 235 7.89 -25.82 1.95
N CYS A 236 7.12 -26.90 1.88
CA CYS A 236 7.64 -28.26 1.76
C CYS A 236 7.43 -28.76 0.34
N ASP A 237 8.49 -29.27 -0.27
CA ASP A 237 8.45 -29.78 -1.63
C ASP A 237 8.37 -31.30 -1.70
N ASN A 238 8.22 -31.97 -0.56
CA ASN A 238 8.13 -33.42 -0.54
C ASN A 238 6.74 -33.86 -0.98
N PRO A 239 6.62 -34.70 -2.01
CA PRO A 239 5.29 -35.20 -2.40
C PRO A 239 4.59 -35.97 -1.29
N TRP A 240 5.33 -36.71 -0.47
CA TRP A 240 4.73 -37.41 0.66
C TRP A 240 4.16 -36.42 1.68
N THR A 241 4.89 -35.33 1.93
CA THR A 241 4.40 -34.30 2.84
C THR A 241 3.11 -33.68 2.32
N GLY A 242 3.05 -33.39 1.02
CA GLY A 242 1.83 -32.85 0.44
C GLY A 242 0.67 -33.83 0.49
N GLY A 243 0.97 -35.12 0.27
CA GLY A 243 -0.07 -36.13 0.41
C GLY A 243 -0.60 -36.23 1.83
N ILE A 244 0.29 -36.13 2.82
CA ILE A 244 -0.13 -36.16 4.21
C ILE A 244 -0.98 -34.93 4.52
N PHE A 245 -0.58 -33.76 4.00
CA PHE A 245 -1.38 -32.55 4.21
C PHE A 245 -2.77 -32.69 3.59
N LEU A 246 -2.83 -33.25 2.37
CA LEU A 246 -4.12 -33.48 1.73
C LEU A 246 -4.97 -34.46 2.53
N GLY A 247 -4.34 -35.50 3.08
CA GLY A 247 -5.07 -36.43 3.93
C GLY A 247 -5.62 -35.77 5.18
N ALA A 248 -4.84 -34.90 5.80
CA ALA A 248 -5.31 -34.17 6.98
C ALA A 248 -6.49 -33.27 6.63
N ILE A 249 -6.39 -32.56 5.51
CA ILE A 249 -7.49 -31.68 5.09
C ILE A 249 -8.73 -32.51 4.79
N LEU A 250 -8.57 -33.67 4.14
CA LEU A 250 -9.70 -34.54 3.88
C LEU A 250 -10.31 -35.05 5.17
N LEU A 251 -9.48 -35.35 6.17
CA LEU A 251 -10.00 -35.73 7.47
C LEU A 251 -10.84 -34.61 8.08
N SER A 252 -10.37 -33.36 7.95
CA SER A 252 -11.17 -32.24 8.41
C SER A 252 -12.43 -32.07 7.56
N SER A 253 -12.27 -32.03 6.24
CA SER A 253 -13.40 -31.86 5.32
C SER A 253 -13.03 -32.33 3.93
N PRO A 254 -13.79 -33.28 3.35
CA PRO A 254 -13.47 -33.74 1.99
C PRO A 254 -13.55 -32.64 0.94
N LEU A 255 -14.50 -31.72 1.08
CA LEU A 255 -14.64 -30.65 0.10
C LEU A 255 -13.43 -29.73 0.10
N MET A 256 -12.87 -29.45 1.28
CA MET A 256 -11.67 -28.63 1.37
C MET A 256 -10.50 -29.30 0.67
N CYS A 257 -10.34 -30.62 0.86
CA CYS A 257 -9.27 -31.34 0.18
C CYS A 257 -9.46 -31.33 -1.34
N LEU A 258 -10.70 -31.53 -1.80
CA LEU A 258 -10.96 -31.49 -3.23
C LEU A 258 -10.64 -30.12 -3.80
N HIS A 259 -11.03 -29.06 -3.09
CA HIS A 259 -10.74 -27.71 -3.56
C HIS A 259 -9.25 -27.40 -3.53
N ALA A 260 -8.52 -27.92 -2.54
CA ALA A 260 -7.07 -27.75 -2.52
C ALA A 260 -6.42 -28.43 -3.73
N ALA A 261 -6.84 -29.65 -4.04
CA ALA A 261 -6.30 -30.34 -5.20
C ALA A 261 -6.61 -29.59 -6.49
N ILE A 262 -7.86 -29.11 -6.62
CA ILE A 262 -8.25 -28.40 -7.83
C ILE A 262 -7.49 -27.08 -7.95
N GLY A 263 -7.25 -26.40 -6.82
CA GLY A 263 -6.48 -25.17 -6.85
C GLY A 263 -5.03 -25.40 -7.25
N SER A 264 -4.43 -26.49 -6.75
CA SER A 264 -3.07 -26.82 -7.17
C SER A 264 -3.03 -27.13 -8.67
N LEU A 265 -4.01 -27.88 -9.17
CA LEU A 265 -4.06 -28.18 -10.59
C LEU A 265 -4.24 -26.91 -11.43
N LEU A 266 -5.07 -25.98 -10.96
CA LEU A 266 -5.26 -24.72 -11.66
C LEU A 266 -4.01 -23.87 -11.64
N GLY A 267 -3.25 -23.90 -10.54
CA GLY A 267 -1.97 -23.22 -10.53
C GLY A 267 -0.99 -23.82 -11.53
N ILE A 268 -0.98 -25.15 -11.65
CA ILE A 268 -0.16 -25.80 -12.65
C ILE A 268 -0.56 -25.37 -14.05
N ALA A 269 -1.87 -25.32 -14.31
CA ALA A 269 -2.36 -24.91 -15.63
C ALA A 269 -1.97 -23.46 -15.93
N ALA A 270 -2.09 -22.58 -14.94
CA ALA A 270 -1.69 -21.19 -15.13
C ALA A 270 -0.19 -21.07 -15.40
N GLY A 271 0.62 -21.87 -14.70
CA GLY A 271 2.04 -21.87 -14.97
C GLY A 271 2.37 -22.34 -16.37
N LEU A 272 1.64 -23.36 -16.85
CA LEU A 272 1.83 -23.82 -18.22
C LEU A 272 1.39 -22.77 -19.23
N SER A 273 0.38 -21.97 -18.89
CA SER A 273 -0.13 -20.98 -19.83
C SER A 273 0.85 -19.83 -20.03
N LEU A 274 1.72 -19.57 -19.06
CA LEU A 274 2.68 -18.48 -19.15
C LEU A 274 4.08 -18.97 -19.53
N SER A 275 4.21 -20.22 -19.96
CA SER A 275 5.49 -20.80 -20.35
C SER A 275 6.51 -20.72 -19.21
N ALA A 276 6.07 -21.01 -18.00
CA ALA A 276 6.96 -21.02 -16.86
C ALA A 276 7.94 -22.18 -16.95
N PRO A 277 9.12 -22.07 -16.35
CA PRO A 277 10.06 -23.20 -16.34
C PRO A 277 9.45 -24.41 -15.67
N PHE A 278 9.74 -25.59 -16.24
CA PHE A 278 9.14 -26.82 -15.73
C PHE A 278 9.59 -27.14 -14.31
N GLU A 279 10.81 -26.74 -13.93
CA GLU A 279 11.28 -26.99 -12.58
C GLU A 279 10.48 -26.18 -11.55
N ASP A 280 10.03 -24.99 -11.92
CA ASP A 280 9.20 -24.20 -11.02
C ASP A 280 7.83 -24.85 -10.82
N ILE A 281 7.27 -25.43 -11.88
CA ILE A 281 5.97 -26.09 -11.77
C ILE A 281 6.10 -27.38 -10.96
N TYR A 282 7.16 -28.16 -11.21
CA TYR A 282 7.36 -29.41 -10.51
C TYR A 282 7.66 -29.19 -9.02
N PHE A 283 8.17 -28.02 -8.65
CA PHE A 283 8.51 -27.72 -7.27
C PHE A 283 7.32 -27.26 -6.45
N GLY A 284 6.14 -27.11 -7.06
CA GLY A 284 4.97 -26.66 -6.36
C GLY A 284 4.91 -25.17 -6.11
N LEU A 285 5.81 -24.39 -6.69
CA LEU A 285 5.82 -22.95 -6.48
C LEU A 285 4.66 -22.24 -7.15
N TRP A 286 3.94 -22.92 -8.03
CA TRP A 286 2.83 -22.32 -8.76
C TRP A 286 1.46 -22.66 -8.18
N GLY A 287 1.37 -23.67 -7.33
CA GLY A 287 0.07 -24.14 -6.88
C GLY A 287 -0.24 -23.94 -5.41
N PHE A 288 0.71 -23.41 -4.63
CA PHE A 288 0.48 -23.26 -3.20
C PHE A 288 -0.31 -22.01 -2.84
N ASN A 289 -0.46 -21.07 -3.77
CA ASN A 289 -1.33 -19.91 -3.54
C ASN A 289 -2.74 -20.15 -4.08
N SER A 290 -2.83 -20.72 -5.29
CA SER A 290 -4.13 -21.04 -5.86
C SER A 290 -4.86 -22.11 -5.06
N SER A 291 -4.13 -23.05 -4.47
CA SER A 291 -4.77 -24.05 -3.62
C SER A 291 -5.42 -23.41 -2.40
N LEU A 292 -4.71 -22.49 -1.75
CA LEU A 292 -5.28 -21.78 -0.62
C LEU A 292 -6.47 -20.92 -1.04
N ALA A 293 -6.37 -20.27 -2.20
CA ALA A 293 -7.47 -19.46 -2.68
C ALA A 293 -8.70 -20.30 -2.97
N CYS A 294 -8.51 -21.49 -3.55
CA CYS A 294 -9.64 -22.38 -3.83
C CYS A 294 -10.23 -22.95 -2.55
N ILE A 295 -9.39 -23.21 -1.54
CA ILE A 295 -9.92 -23.64 -0.24
C ILE A 295 -10.78 -22.56 0.36
N ALA A 296 -10.27 -21.31 0.36
CA ALA A 296 -10.97 -20.22 1.03
C ALA A 296 -12.26 -19.86 0.31
N MET A 297 -12.20 -19.70 -1.01
CA MET A 297 -13.37 -19.24 -1.76
C MET A 297 -14.36 -20.36 -2.04
N GLY A 298 -13.96 -21.62 -1.90
CA GLY A 298 -14.87 -22.71 -2.15
C GLY A 298 -15.43 -23.33 -0.89
N GLY A 299 -16.66 -22.96 -0.52
CA GLY A 299 -17.31 -23.55 0.62
C GLY A 299 -16.90 -22.97 1.97
N MET A 300 -15.69 -22.44 2.06
CA MET A 300 -15.15 -22.04 3.35
C MET A 300 -15.69 -20.68 3.79
N PHE A 301 -15.41 -19.63 3.01
CA PHE A 301 -15.87 -18.29 3.33
C PHE A 301 -17.00 -17.83 2.42
N MET A 302 -17.35 -18.61 1.41
CA MET A 302 -18.54 -18.39 0.60
C MET A 302 -19.33 -19.69 0.54
N ALA A 303 -20.65 -19.59 0.60
CA ALA A 303 -21.49 -20.78 0.58
C ALA A 303 -21.25 -21.59 -0.68
N LEU A 304 -21.18 -22.90 -0.53
CA LEU A 304 -20.79 -23.79 -1.62
C LEU A 304 -21.97 -24.01 -2.56
N THR A 305 -21.87 -23.49 -3.77
CA THR A 305 -22.79 -23.77 -4.86
C THR A 305 -21.96 -23.94 -6.12
N TRP A 306 -22.59 -24.41 -7.19
CA TRP A 306 -21.86 -24.55 -8.45
C TRP A 306 -21.40 -23.19 -8.97
N GLN A 307 -22.20 -22.15 -8.76
CA GLN A 307 -21.77 -20.80 -9.11
C GLN A 307 -20.54 -20.40 -8.29
N THR A 308 -20.58 -20.65 -6.97
CA THR A 308 -19.42 -20.33 -6.15
C THR A 308 -18.27 -21.28 -6.42
N HIS A 309 -18.55 -22.50 -6.88
CA HIS A 309 -17.48 -23.40 -7.31
C HIS A 309 -16.72 -22.81 -8.51
N LEU A 310 -17.46 -22.33 -9.50
CA LEU A 310 -16.83 -21.69 -10.66
C LEU A 310 -16.11 -20.41 -10.24
N LEU A 311 -16.69 -19.66 -9.31
CA LEU A 311 -16.03 -18.46 -8.80
C LEU A 311 -14.73 -18.82 -8.10
N ALA A 312 -14.70 -19.93 -7.36
CA ALA A 312 -13.48 -20.38 -6.71
C ALA A 312 -12.43 -20.80 -7.73
N LEU A 313 -12.85 -21.46 -8.80
CA LEU A 313 -11.91 -21.82 -9.86
C LEU A 313 -11.31 -20.57 -10.49
N GLY A 314 -12.14 -19.59 -10.80
CA GLY A 314 -11.63 -18.34 -11.35
C GLY A 314 -10.72 -17.61 -10.38
N CYS A 315 -11.05 -17.65 -9.09
CA CYS A 315 -10.19 -17.03 -8.08
C CYS A 315 -8.85 -17.75 -7.97
N ALA A 316 -8.85 -19.07 -8.12
CA ALA A 316 -7.60 -19.81 -8.10
C ALA A 316 -6.72 -19.45 -9.30
N LEU A 317 -7.32 -19.33 -10.48
CA LEU A 317 -6.55 -18.92 -11.65
C LEU A 317 -5.99 -17.51 -11.48
N PHE A 318 -6.84 -16.58 -11.03
CA PHE A 318 -6.41 -15.22 -10.77
C PHE A 318 -5.31 -15.18 -9.72
N THR A 319 -5.42 -16.04 -8.70
CA THR A 319 -4.42 -16.08 -7.64
C THR A 319 -3.09 -16.60 -8.15
N ALA A 320 -3.10 -17.60 -9.03
CA ALA A 320 -1.84 -18.06 -9.62
C ALA A 320 -1.18 -16.97 -10.47
N TYR A 321 -1.98 -16.27 -11.27
CA TYR A 321 -1.41 -15.20 -12.09
C TYR A 321 -0.88 -14.06 -11.21
N LEU A 322 -1.65 -13.66 -10.20
CA LEU A 322 -1.15 -12.67 -9.25
C LEU A 322 0.06 -13.17 -8.50
N GLY A 323 0.17 -14.49 -8.28
CA GLY A 323 1.32 -15.03 -7.60
C GLY A 323 2.59 -14.89 -8.41
N VAL A 324 2.52 -15.21 -9.69
CA VAL A 324 3.71 -15.02 -10.52
C VAL A 324 4.03 -13.54 -10.68
N GLY A 325 3.01 -12.70 -10.80
CA GLY A 325 3.25 -11.27 -10.88
C GLY A 325 3.93 -10.71 -9.64
N MET A 326 3.42 -11.10 -8.47
CA MET A 326 3.99 -10.61 -7.22
C MET A 326 5.38 -11.18 -6.99
N ALA A 327 5.61 -12.44 -7.37
CA ALA A 327 6.95 -13.01 -7.25
C ALA A 327 7.94 -12.24 -8.11
N ASN A 328 7.57 -11.93 -9.35
CA ASN A 328 8.45 -11.14 -10.21
C ASN A 328 8.67 -9.74 -9.66
N PHE A 329 7.62 -9.12 -9.11
CA PHE A 329 7.75 -7.78 -8.56
C PHE A 329 8.66 -7.76 -7.33
N MET A 330 8.50 -8.73 -6.43
CA MET A 330 9.29 -8.74 -5.19
C MET A 330 10.67 -9.32 -5.39
N ALA A 331 10.94 -9.99 -6.51
CA ALA A 331 12.30 -10.41 -6.81
C ALA A 331 13.19 -9.21 -7.11
N GLU A 332 12.61 -8.08 -7.52
CA GLU A 332 13.39 -6.87 -7.77
C GLU A 332 13.84 -6.19 -6.49
N VAL A 333 13.25 -6.55 -5.35
CA VAL A 333 13.67 -6.02 -4.05
C VAL A 333 14.29 -7.11 -3.19
N GLY A 334 14.55 -8.29 -3.75
CA GLY A 334 15.18 -9.36 -3.01
C GLY A 334 14.30 -10.06 -2.00
N LEU A 335 13.00 -10.16 -2.28
CA LEU A 335 12.07 -10.77 -1.35
C LEU A 335 11.21 -11.81 -2.05
N PRO A 336 10.81 -12.87 -1.35
CA PRO A 336 9.84 -13.81 -1.92
C PRO A 336 8.42 -13.34 -1.68
N ALA A 337 7.55 -13.65 -2.64
CA ALA A 337 6.15 -13.25 -2.54
C ALA A 337 5.46 -13.98 -1.39
N CYS A 338 5.75 -15.27 -1.22
CA CYS A 338 5.15 -16.12 -0.18
C CYS A 338 3.64 -16.15 -0.43
N THR A 339 2.80 -15.82 0.55
CA THR A 339 1.36 -15.91 0.40
C THR A 339 0.70 -14.54 0.28
N TRP A 340 1.46 -13.51 -0.08
CA TRP A 340 0.86 -12.22 -0.40
C TRP A 340 -0.20 -12.31 -1.49
N PRO A 341 0.06 -12.94 -2.65
CA PRO A 341 -0.98 -12.99 -3.69
C PRO A 341 -2.24 -13.70 -3.25
N PHE A 342 -2.12 -14.78 -2.46
CA PHE A 342 -3.32 -15.49 -2.01
C PHE A 342 -4.20 -14.58 -1.16
N CYS A 343 -3.60 -13.90 -0.18
CA CYS A 343 -4.37 -13.01 0.68
C CYS A 343 -5.00 -11.88 -0.14
N LEU A 344 -4.21 -11.27 -1.01
CA LEU A 344 -4.72 -10.14 -1.79
C LEU A 344 -5.88 -10.56 -2.69
N ALA A 345 -5.70 -11.66 -3.43
CA ALA A 345 -6.74 -12.11 -4.36
C ALA A 345 -7.99 -12.57 -3.62
N THR A 346 -7.82 -13.30 -2.51
CA THR A 346 -8.99 -13.76 -1.77
C THR A 346 -9.76 -12.59 -1.16
N LEU A 347 -9.04 -11.59 -0.61
CA LEU A 347 -9.71 -10.40 -0.11
C LEU A 347 -10.43 -9.65 -1.22
N LEU A 348 -9.80 -9.55 -2.39
CA LEU A 348 -10.43 -8.87 -3.51
C LEU A 348 -11.70 -9.58 -3.94
N PHE A 349 -11.68 -10.91 -3.98
CA PHE A 349 -12.86 -11.66 -4.40
C PHE A 349 -13.94 -11.65 -3.32
N LEU A 350 -13.55 -11.53 -2.05
CA LEU A 350 -14.54 -11.46 -0.98
C LEU A 350 -15.20 -10.09 -0.91
N ILE A 351 -14.45 -9.02 -1.20
CA ILE A 351 -15.03 -7.68 -1.15
C ILE A 351 -16.00 -7.46 -2.32
N MET A 352 -15.73 -8.07 -3.47
CA MET A 352 -16.57 -7.88 -4.64
C MET A 352 -18.01 -8.30 -4.35
N THR A 353 -18.96 -7.46 -4.76
CA THR A 353 -20.38 -7.68 -4.50
C THR A 353 -21.12 -7.90 -5.81
N THR A 354 -21.98 -8.91 -5.82
CA THR A 354 -22.80 -9.23 -6.99
C THR A 354 -24.26 -9.30 -6.57
N LYS A 355 -25.15 -9.03 -7.51
CA LYS A 355 -26.59 -9.14 -7.28
C LYS A 355 -27.09 -10.55 -7.61
N ASN A 356 -26.42 -11.56 -7.05
CA ASN A 356 -26.76 -12.95 -7.28
C ASN A 356 -27.03 -13.61 -5.92
N SER A 357 -28.23 -14.17 -5.76
CA SER A 357 -28.58 -14.80 -4.50
C SER A 357 -27.79 -16.06 -4.26
N ASN A 358 -27.38 -16.76 -5.33
CA ASN A 358 -26.63 -18.00 -5.19
C ASN A 358 -25.16 -17.78 -4.90
N ILE A 359 -24.65 -16.57 -5.05
CA ILE A 359 -23.28 -16.23 -4.70
C ILE A 359 -23.38 -15.55 -3.32
N TYR A 360 -23.23 -16.35 -2.27
CA TYR A 360 -23.48 -15.91 -0.91
C TYR A 360 -22.17 -15.88 -0.12
N LYS A 361 -21.93 -14.79 0.60
CA LYS A 361 -20.77 -14.64 1.44
C LYS A 361 -21.13 -15.04 2.87
N MET A 362 -20.43 -16.04 3.40
CA MET A 362 -20.75 -16.54 4.73
C MET A 362 -20.39 -15.50 5.79
N PRO A 363 -21.26 -15.30 6.79
CA PRO A 363 -20.90 -14.41 7.90
C PRO A 363 -19.68 -14.94 8.64
N LEU A 364 -18.83 -14.01 9.09
CA LEU A 364 -17.56 -14.39 9.70
C LEU A 364 -17.75 -15.21 10.97
N SER A 365 -18.87 -15.01 11.68
CA SER A 365 -19.11 -15.73 12.92
C SER A 365 -19.71 -17.12 12.69
N LYS A 366 -20.12 -17.44 11.47
CA LYS A 366 -20.74 -18.74 11.18
C LYS A 366 -19.86 -19.61 10.29
N VAL A 367 -18.60 -19.24 10.09
CA VAL A 367 -17.69 -19.98 9.21
C VAL A 367 -17.00 -21.06 10.03
N THR A 368 -17.36 -22.32 9.78
CA THR A 368 -16.70 -23.45 10.42
C THR A 368 -16.02 -24.35 9.41
N TYR A 369 -16.75 -24.90 8.44
CA TYR A 369 -16.20 -25.74 7.38
C TYR A 369 -17.29 -25.92 6.32
N PRO A 370 -16.90 -26.28 5.08
CA PRO A 370 -17.86 -26.19 3.96
C PRO A 370 -19.17 -26.93 4.16
N GLU A 371 -19.17 -28.09 4.82
CA GLU A 371 -20.41 -28.82 5.01
C GLU A 371 -21.39 -28.04 5.90
N GLU A 372 -20.92 -27.60 7.06
CA GLU A 372 -21.76 -26.81 7.95
C GLU A 372 -22.13 -25.48 7.33
N ASN A 373 -21.20 -24.87 6.60
CA ASN A 373 -21.50 -23.60 5.92
C ASN A 373 -22.62 -23.78 4.90
N ARG A 374 -22.56 -24.86 4.11
CA ARG A 374 -23.62 -25.11 3.14
C ARG A 374 -24.95 -25.41 3.83
N ILE A 375 -24.92 -26.14 4.94
CA ILE A 375 -26.15 -26.41 5.68
C ILE A 375 -26.76 -25.11 6.17
N PHE A 376 -25.94 -24.23 6.74
CA PHE A 376 -26.42 -22.94 7.23
C PHE A 376 -26.97 -22.09 6.09
N TYR A 377 -26.29 -22.09 4.94
CA TYR A 377 -26.78 -21.33 3.80
C TYR A 377 -28.11 -21.85 3.29
N LEU A 378 -28.27 -23.18 3.25
CA LEU A 378 -29.54 -23.76 2.82
C LEU A 378 -30.65 -23.42 3.80
N GLN A 379 -30.35 -23.44 5.10
CA GLN A 379 -31.35 -23.07 6.09
C GLN A 379 -31.74 -21.60 5.95
N ALA A 380 -30.77 -20.73 5.71
CA ALA A 380 -31.07 -19.30 5.58
C ALA A 380 -31.81 -18.99 4.29
N LYS A 381 -31.56 -19.75 3.22
CA LYS A 381 -32.24 -19.51 1.96
C LYS A 381 -33.73 -19.76 2.08
N LYS A 382 -34.12 -20.82 2.78
CA LYS A 382 -35.53 -21.15 2.96
C LYS A 382 -36.11 -20.43 4.19
N GLY B 36 7.80 26.90 35.42
CA GLY B 36 6.44 26.41 35.40
C GLY B 36 5.58 27.06 34.34
N TYR B 37 5.91 28.31 34.00
CA TYR B 37 5.18 29.03 32.96
C TYR B 37 5.52 28.53 31.57
N VAL B 38 6.73 27.99 31.38
CA VAL B 38 7.19 27.53 30.07
C VAL B 38 7.11 26.03 29.91
N THR B 39 6.59 25.31 30.90
CA THR B 39 6.49 23.86 30.82
C THR B 39 5.15 23.44 30.23
N GLY B 40 5.11 22.19 29.78
CA GLY B 40 3.87 21.65 29.21
C GLY B 40 3.60 22.23 27.83
N ASP B 41 2.33 22.48 27.56
CA ASP B 41 1.89 23.05 26.29
C ASP B 41 1.86 24.57 26.30
N MET B 42 2.14 25.20 27.44
CA MET B 42 2.11 26.65 27.59
C MET B 42 0.74 27.22 27.20
N LYS B 43 -0.30 26.70 27.87
CA LYS B 43 -1.66 27.13 27.57
C LYS B 43 -1.89 28.58 27.95
N GLU B 44 -1.21 29.07 28.99
CA GLU B 44 -1.39 30.47 29.39
C GLU B 44 -0.90 31.41 28.30
N LEU B 45 0.23 31.09 27.66
CA LEU B 45 0.73 31.92 26.57
C LEU B 45 -0.24 31.94 25.40
N ALA B 46 -0.83 30.78 25.06
CA ALA B 46 -1.81 30.73 23.99
C ALA B 46 -3.04 31.56 24.33
N ASN B 47 -3.52 31.47 25.57
CA ASN B 47 -4.68 32.25 25.98
C ASN B 47 -4.38 33.75 25.93
N GLN B 48 -3.17 34.15 26.33
CA GLN B 48 -2.80 35.56 26.27
C GLN B 48 -2.61 36.04 24.83
N LEU B 49 -2.13 35.16 23.94
CA LEU B 49 -1.92 35.54 22.55
C LEU B 49 -3.17 35.46 21.70
N LYS B 50 -4.24 34.83 22.22
CA LYS B 50 -5.48 34.72 21.44
C LYS B 50 -6.05 36.07 21.04
N ASP B 51 -5.75 37.15 21.77
CA ASP B 51 -6.25 38.47 21.45
C ASP B 51 -5.13 39.43 21.05
N LYS B 52 -3.98 38.90 20.68
CA LYS B 52 -2.84 39.71 20.27
C LYS B 52 -2.85 39.91 18.76
N PRO B 53 -2.02 40.82 18.24
CA PRO B 53 -1.90 40.95 16.78
C PRO B 53 -1.46 39.64 16.13
N VAL B 54 -1.95 39.42 14.91
CA VAL B 54 -1.78 38.13 14.24
C VAL B 54 -0.33 37.81 13.90
N VAL B 55 0.57 38.79 13.92
CA VAL B 55 1.97 38.51 13.65
C VAL B 55 2.58 37.68 14.77
N LEU B 56 2.33 38.09 16.02
CA LEU B 56 2.81 37.32 17.16
C LEU B 56 2.17 35.94 17.20
N GLN B 57 0.89 35.85 16.86
CA GLN B 57 0.23 34.55 16.79
C GLN B 57 0.85 33.67 15.73
N PHE B 58 1.19 34.24 14.58
CA PHE B 58 1.83 33.46 13.53
C PHE B 58 3.21 32.98 13.97
N ILE B 59 3.97 33.83 14.65
CA ILE B 59 5.29 33.42 15.16
C ILE B 59 5.13 32.27 16.15
N ASP B 60 4.14 32.37 17.04
CA ASP B 60 3.88 31.30 17.99
C ASP B 60 3.49 30.02 17.29
N TRP B 61 2.67 30.12 16.23
CA TRP B 61 2.28 28.94 15.47
C TRP B 61 3.49 28.30 14.80
N ILE B 62 4.39 29.11 14.24
CA ILE B 62 5.59 28.57 13.62
C ILE B 62 6.46 27.85 14.64
N LEU B 63 6.63 28.46 15.82
CA LEU B 63 7.44 27.81 16.86
C LEU B 63 6.81 26.50 17.32
N ARG B 64 5.49 26.49 17.51
CA ARG B 64 4.81 25.28 17.92
C ARG B 64 4.90 24.20 16.85
N GLY B 65 4.80 24.59 15.57
CA GLY B 65 4.96 23.63 14.50
C GLY B 65 6.37 23.06 14.45
N ILE B 66 7.37 23.89 14.71
CA ILE B 66 8.74 23.39 14.80
C ILE B 66 8.86 22.37 15.92
N SER B 67 8.27 22.68 17.08
CA SER B 67 8.40 21.79 18.24
C SER B 67 7.58 20.50 18.08
N GLN B 68 6.51 20.53 17.27
CA GLN B 68 5.57 19.42 17.20
C GLN B 68 6.14 18.19 16.50
N VAL B 69 7.36 18.24 15.98
CA VAL B 69 7.96 17.06 15.36
C VAL B 69 8.15 15.97 16.41
N VAL B 70 8.45 16.34 17.64
CA VAL B 70 8.68 15.39 18.72
C VAL B 70 7.46 15.36 19.64
N PHE B 71 6.29 15.69 19.09
CA PHE B 71 5.03 15.71 19.81
C PHE B 71 5.06 16.69 20.98
N VAL B 72 5.66 17.87 20.75
CA VAL B 72 5.80 18.90 21.76
C VAL B 72 5.06 20.14 21.30
N ASN B 73 4.20 20.67 22.16
CA ASN B 73 3.42 21.87 21.86
C ASN B 73 3.93 23.10 22.59
N ASN B 74 5.26 23.23 22.72
CA ASN B 74 5.86 24.32 23.46
C ASN B 74 6.62 25.24 22.52
N PRO B 75 6.24 26.52 22.42
CA PRO B 75 7.02 27.45 21.59
C PRO B 75 8.45 27.64 22.06
N VAL B 76 8.70 27.57 23.38
CA VAL B 76 10.07 27.69 23.88
C VAL B 76 10.88 26.47 23.47
N SER B 77 10.26 25.29 23.50
CA SER B 77 10.91 24.10 22.96
C SER B 77 11.16 24.24 21.46
N GLY B 78 10.27 24.92 20.74
CA GLY B 78 10.53 25.21 19.34
C GLY B 78 11.73 26.11 19.15
N ILE B 79 11.89 27.12 20.00
CA ILE B 79 13.05 28.00 19.95
C ILE B 79 14.32 27.19 20.23
N LEU B 80 14.26 26.31 21.23
CA LEU B 80 15.43 25.48 21.55
C LEU B 80 15.77 24.55 20.40
N ILE B 81 14.76 23.97 19.74
CA ILE B 81 15.01 23.10 18.60
C ILE B 81 15.60 23.88 17.44
N LEU B 82 15.14 25.11 17.24
CA LEU B 82 15.74 25.97 16.22
C LEU B 82 17.19 26.28 16.53
N VAL B 83 17.51 26.52 17.81
CA VAL B 83 18.88 26.76 18.20
C VAL B 83 19.74 25.52 17.93
N GLY B 84 19.21 24.34 18.25
CA GLY B 84 19.94 23.12 17.96
C GLY B 84 20.17 22.90 16.48
N LEU B 85 19.15 23.20 15.66
CA LEU B 85 19.30 23.09 14.22
C LEU B 85 20.36 24.06 13.70
N LEU B 86 20.37 25.30 14.23
CA LEU B 86 21.40 26.25 13.84
C LEU B 86 22.78 25.77 14.27
N VAL B 87 22.87 25.12 15.42
CA VAL B 87 24.14 24.54 15.86
C VAL B 87 24.60 23.46 14.88
N GLN B 88 23.67 22.62 14.43
CA GLN B 88 24.01 21.59 13.45
C GLN B 88 24.35 22.21 12.10
N ASN B 89 23.38 22.90 11.50
CA ASN B 89 23.59 23.53 10.20
C ASN B 89 22.62 24.70 10.01
N PRO B 90 23.12 25.93 9.88
CA PRO B 90 22.21 27.06 9.67
C PRO B 90 21.38 26.95 8.40
N TRP B 91 21.93 26.34 7.34
CA TRP B 91 21.18 26.16 6.11
C TRP B 91 19.99 25.24 6.33
N TRP B 92 20.19 24.15 7.08
CA TRP B 92 19.09 23.24 7.39
C TRP B 92 18.01 23.93 8.22
N ALA B 93 18.43 24.75 9.19
CA ALA B 93 17.47 25.50 10.00
C ALA B 93 16.67 26.47 9.14
N LEU B 94 17.36 27.15 8.21
CA LEU B 94 16.66 28.08 7.32
C LEU B 94 15.64 27.36 6.45
N THR B 95 16.03 26.21 5.88
CA THR B 95 15.10 25.45 5.04
C THR B 95 13.90 24.97 5.86
N GLY B 96 14.14 24.47 7.07
CA GLY B 96 13.04 24.01 7.90
C GLY B 96 12.10 25.13 8.32
N TRP B 97 12.65 26.28 8.70
CA TRP B 97 11.82 27.42 9.06
C TRP B 97 10.99 27.90 7.88
N LEU B 98 11.62 27.97 6.69
CA LEU B 98 10.88 28.39 5.50
C LEU B 98 9.76 27.41 5.17
N GLY B 99 10.04 26.10 5.29
CA GLY B 99 9.01 25.11 5.04
C GLY B 99 7.86 25.23 6.01
N THR B 100 8.17 25.42 7.30
CA THR B 100 7.10 25.59 8.29
C THR B 100 6.26 26.81 8.00
N VAL B 101 6.90 27.94 7.66
CA VAL B 101 6.17 29.16 7.38
C VAL B 101 5.27 28.98 6.17
N VAL B 102 5.81 28.39 5.10
CA VAL B 102 5.01 28.21 3.89
C VAL B 102 3.84 27.26 4.15
N SER B 103 4.07 26.18 4.90
CA SER B 103 2.99 25.25 5.20
C SER B 103 1.90 25.90 6.03
N THR B 104 2.27 26.69 7.04
CA THR B 104 1.27 27.37 7.85
C THR B 104 0.48 28.37 7.02
N LEU B 105 1.17 29.12 6.15
CA LEU B 105 0.48 30.09 5.30
C LEU B 105 -0.48 29.38 4.35
N MET B 106 -0.07 28.24 3.79
CA MET B 106 -0.93 27.52 2.86
C MET B 106 -2.12 26.89 3.58
N ALA B 107 -1.90 26.42 4.81
CA ALA B 107 -3.01 25.87 5.59
C ALA B 107 -4.00 26.97 5.96
N LEU B 108 -3.51 28.18 6.23
CA LEU B 108 -4.40 29.32 6.43
C LEU B 108 -5.16 29.63 5.15
N LEU B 109 -4.48 29.57 4.01
CA LEU B 109 -5.12 29.86 2.73
C LEU B 109 -6.16 28.80 2.36
N LEU B 110 -5.95 27.55 2.78
CA LEU B 110 -6.89 26.48 2.46
C LEU B 110 -8.05 26.40 3.43
N SER B 111 -8.13 27.32 4.40
CA SER B 111 -9.24 27.38 5.35
C SER B 111 -9.35 26.08 6.15
N GLN B 112 -8.22 25.62 6.65
CA GLN B 112 -8.19 24.45 7.52
C GLN B 112 -8.64 24.85 8.93
N ASP B 113 -8.69 23.87 9.83
CA ASP B 113 -9.11 24.13 11.20
C ASP B 113 -8.13 25.06 11.89
N ARG B 114 -8.65 26.17 12.43
CA ARG B 114 -7.78 27.14 13.08
C ARG B 114 -7.17 26.59 14.36
N SER B 115 -7.89 25.73 15.07
CA SER B 115 -7.35 25.12 16.29
C SER B 115 -6.13 24.27 15.99
N LEU B 116 -6.18 23.49 14.91
CA LEU B 116 -5.03 22.67 14.54
C LEU B 116 -3.85 23.54 14.11
N ILE B 117 -4.11 24.62 13.38
CA ILE B 117 -3.04 25.52 12.96
C ILE B 117 -2.39 26.19 14.16
N ALA B 118 -3.20 26.59 15.14
CA ALA B 118 -2.67 27.25 16.32
C ALA B 118 -1.78 26.33 17.16
N SER B 119 -2.06 25.03 17.14
CA SER B 119 -1.29 24.07 17.91
C SER B 119 -0.08 23.53 17.15
N GLY B 120 0.18 24.04 15.95
CA GLY B 120 1.32 23.60 15.18
C GLY B 120 1.15 22.32 14.41
N LEU B 121 -0.06 21.76 14.38
CA LEU B 121 -0.29 20.51 13.67
C LEU B 121 -0.31 20.69 12.15
N TYR B 122 -0.33 21.92 11.66
CA TYR B 122 -0.23 22.23 10.24
C TYR B 122 1.07 22.98 10.04
N GLY B 123 2.16 22.24 9.84
CA GLY B 123 3.46 22.85 9.65
C GLY B 123 4.61 22.07 10.26
N TYR B 124 4.30 21.08 11.10
CA TYR B 124 5.37 20.25 11.65
C TYR B 124 5.88 19.22 10.67
N ASN B 125 5.08 18.85 9.66
CA ASN B 125 5.56 17.96 8.61
C ASN B 125 6.46 18.70 7.63
N ALA B 126 6.15 19.96 7.34
CA ALA B 126 6.95 20.71 6.39
C ALA B 126 8.29 21.13 6.96
N THR B 127 8.40 21.28 8.28
CA THR B 127 9.71 21.47 8.89
C THR B 127 10.63 20.31 8.55
N LEU B 128 10.15 19.08 8.76
CA LEU B 128 10.91 17.90 8.40
C LEU B 128 11.16 17.85 6.89
N VAL B 129 10.16 18.21 6.10
CA VAL B 129 10.30 18.18 4.64
C VAL B 129 11.46 19.07 4.21
N GLY B 130 11.48 20.32 4.69
CA GLY B 130 12.54 21.24 4.32
C GLY B 130 13.90 20.82 4.85
N VAL B 131 13.96 20.41 6.12
CA VAL B 131 15.23 20.04 6.72
C VAL B 131 15.83 18.84 6.00
N LEU B 132 15.03 17.81 5.74
CA LEU B 132 15.52 16.62 5.08
C LEU B 132 15.76 16.82 3.60
N MET B 133 15.07 17.77 2.96
CA MET B 133 15.41 18.12 1.58
C MET B 133 16.77 18.79 1.52
N ALA B 134 17.07 19.65 2.50
CA ALA B 134 18.42 20.18 2.59
C ALA B 134 19.44 19.09 2.93
N VAL B 135 19.04 18.11 3.74
CA VAL B 135 19.95 17.04 4.13
C VAL B 135 20.28 16.15 2.93
N PHE B 136 19.25 15.74 2.19
CA PHE B 136 19.40 14.79 1.09
C PHE B 136 19.71 15.47 -0.23
N SER B 137 20.26 16.69 -0.22
CA SER B 137 20.61 17.39 -1.43
C SER B 137 22.07 17.12 -1.78
N ASP B 138 22.33 16.94 -3.07
CA ASP B 138 23.67 16.64 -3.56
C ASP B 138 24.44 17.87 -3.99
N LYS B 139 23.86 19.07 -3.84
CA LYS B 139 24.48 20.31 -4.30
C LYS B 139 25.13 21.08 -3.17
N GLY B 140 25.31 20.48 -2.00
CA GLY B 140 25.97 21.15 -0.90
C GLY B 140 25.07 22.12 -0.16
N ASP B 141 25.69 22.91 0.70
CA ASP B 141 24.99 23.85 1.55
C ASP B 141 24.74 25.16 0.82
N TYR B 142 23.68 25.87 1.25
CA TYR B 142 23.31 27.18 0.73
C TYR B 142 23.10 27.15 -0.79
N PHE B 143 22.45 26.09 -1.27
CA PHE B 143 21.99 26.02 -2.65
C PHE B 143 20.65 26.74 -2.72
N TRP B 144 20.68 28.01 -3.11
CA TRP B 144 19.48 28.85 -3.03
C TRP B 144 18.35 28.36 -3.92
N TRP B 145 18.66 27.74 -5.06
CA TRP B 145 17.61 27.21 -5.92
C TRP B 145 16.79 26.14 -5.23
N LEU B 146 17.36 25.43 -4.26
CA LEU B 146 16.61 24.43 -3.50
C LEU B 146 15.48 25.06 -2.69
N LEU B 147 15.51 26.38 -2.50
CA LEU B 147 14.40 27.05 -1.84
C LEU B 147 13.13 27.01 -2.68
N LEU B 148 13.24 26.75 -3.99
CA LEU B 148 12.06 26.69 -4.83
C LEU B 148 11.29 25.39 -4.65
N PRO B 149 11.91 24.21 -4.80
CA PRO B 149 11.15 22.98 -4.55
C PRO B 149 10.67 22.86 -3.12
N VAL B 150 11.44 23.33 -2.14
CA VAL B 150 11.05 23.20 -0.74
C VAL B 150 9.66 23.80 -0.52
N CYS B 151 9.50 25.07 -0.92
CA CYS B 151 8.20 25.72 -0.81
C CYS B 151 7.13 24.89 -1.52
N ALA B 152 7.44 24.41 -2.72
CA ALA B 152 6.48 23.60 -3.46
C ALA B 152 6.03 22.41 -2.63
N MET B 153 6.98 21.68 -2.03
CA MET B 153 6.60 20.56 -1.20
C MET B 153 5.92 21.02 0.08
N SER B 154 6.35 22.17 0.62
CA SER B 154 5.63 22.75 1.74
C SER B 154 4.23 23.19 1.34
N MET B 155 3.99 23.38 0.04
CA MET B 155 2.64 23.69 -0.42
C MET B 155 1.76 22.45 -0.40
N THR B 156 2.35 21.25 -0.42
CA THR B 156 1.58 20.02 -0.41
C THR B 156 1.45 19.39 0.96
N CYS B 157 2.25 19.83 1.93
CA CYS B 157 2.18 19.27 3.28
C CYS B 157 0.81 19.46 3.93
N PRO B 158 0.19 20.65 3.89
CA PRO B 158 -1.17 20.75 4.46
C PRO B 158 -2.17 19.83 3.80
N ILE B 159 -2.15 19.74 2.47
CA ILE B 159 -3.13 18.90 1.76
C ILE B 159 -3.02 17.46 2.24
N PHE B 160 -1.81 16.91 2.21
CA PHE B 160 -1.59 15.59 2.80
C PHE B 160 -2.13 15.55 4.23
N SER B 161 -1.73 16.53 5.05
CA SER B 161 -2.14 16.56 6.44
C SER B 161 -3.65 16.58 6.56
N SER B 162 -4.32 17.25 5.61
CA SER B 162 -5.77 17.21 5.60
C SER B 162 -6.27 15.83 5.17
N ALA B 163 -5.80 15.35 4.02
CA ALA B 163 -6.41 14.17 3.41
C ALA B 163 -6.25 12.95 4.29
N LEU B 164 -5.08 12.79 4.91
CA LEU B 164 -4.90 11.69 5.84
C LEU B 164 -5.77 11.86 7.08
N ASN B 165 -5.85 13.09 7.61
CA ASN B 165 -6.55 13.29 8.87
C ASN B 165 -8.00 12.86 8.78
N SER B 166 -8.71 13.34 7.76
CA SER B 166 -10.12 13.02 7.61
C SER B 166 -10.35 11.51 7.49
N MET B 167 -9.33 10.75 7.11
CA MET B 167 -9.44 9.30 7.17
C MET B 167 -9.07 8.77 8.55
N LEU B 168 -7.92 9.16 9.08
CA LEU B 168 -7.43 8.56 10.31
C LEU B 168 -8.26 8.98 11.52
N SER B 169 -8.79 10.21 11.51
CA SER B 169 -9.69 10.63 12.57
C SER B 169 -10.96 9.80 12.60
N LYS B 170 -11.27 9.09 11.51
CA LYS B 170 -12.40 8.15 11.55
C LYS B 170 -12.12 7.02 12.53
N TRP B 171 -10.88 6.57 12.61
CA TRP B 171 -10.49 5.49 13.50
C TRP B 171 -9.77 5.99 14.75
N ASP B 172 -9.83 7.30 15.02
CA ASP B 172 -9.21 7.90 16.20
C ASP B 172 -7.71 7.63 16.24
N LEU B 173 -7.04 7.94 15.13
CA LEU B 173 -5.61 7.74 15.00
C LEU B 173 -4.94 9.01 14.52
N PRO B 174 -3.71 9.25 14.93
CA PRO B 174 -2.98 10.43 14.45
C PRO B 174 -2.29 10.15 13.11
N VAL B 175 -1.93 11.24 12.43
CA VAL B 175 -1.25 11.11 11.15
C VAL B 175 0.25 10.92 11.32
N PHE B 176 0.81 11.33 12.46
CA PHE B 176 2.25 11.23 12.75
C PHE B 176 3.00 12.01 11.66
N THR B 177 4.09 11.47 11.11
CA THR B 177 4.83 12.11 10.04
C THR B 177 4.53 11.49 8.68
N LEU B 178 3.35 10.90 8.52
CA LEU B 178 2.97 10.34 7.23
C LEU B 178 2.93 11.37 6.10
N PRO B 179 2.37 12.57 6.28
CA PRO B 179 2.45 13.57 5.20
C PRO B 179 3.89 13.89 4.79
N PHE B 180 4.78 14.05 5.77
CA PHE B 180 6.18 14.33 5.44
C PHE B 180 6.81 13.17 4.70
N ASN B 181 6.53 11.93 5.13
CA ASN B 181 7.10 10.77 4.47
C ASN B 181 6.63 10.68 3.03
N MET B 182 5.33 10.88 2.80
CA MET B 182 4.79 10.82 1.45
C MET B 182 5.40 11.92 0.58
N ALA B 183 5.45 13.14 1.10
CA ALA B 183 6.00 14.26 0.33
C ALA B 183 7.46 14.04 -0.02
N LEU B 184 8.27 13.58 0.95
CA LEU B 184 9.69 13.39 0.70
C LEU B 184 9.94 12.22 -0.24
N SER B 185 9.18 11.13 -0.11
CA SER B 185 9.32 10.03 -1.04
C SER B 185 8.96 10.47 -2.46
N MET B 186 7.87 11.23 -2.60
CA MET B 186 7.49 11.70 -3.92
C MET B 186 8.55 12.61 -4.52
N TYR B 187 9.07 13.55 -3.72
CA TYR B 187 10.08 14.47 -4.23
C TYR B 187 11.36 13.75 -4.61
N LEU B 188 11.83 12.83 -3.76
CA LEU B 188 13.09 12.16 -4.02
C LEU B 188 12.97 11.15 -5.16
N SER B 189 11.77 10.63 -5.41
CA SER B 189 11.57 9.83 -6.60
C SER B 189 11.51 10.70 -7.85
N ALA B 190 10.85 11.86 -7.76
CA ALA B 190 10.74 12.74 -8.92
C ALA B 190 12.09 13.27 -9.35
N THR B 191 12.92 13.69 -8.40
CA THR B 191 14.21 14.26 -8.74
C THR B 191 15.25 13.16 -8.99
N GLY B 192 15.55 12.37 -7.96
CA GLY B 192 16.56 11.35 -8.08
C GLY B 192 17.96 11.90 -8.02
N HIS B 193 18.94 11.00 -8.15
CA HIS B 193 20.33 11.39 -8.09
C HIS B 193 20.81 12.07 -9.37
N TYR B 194 20.18 11.77 -10.51
CA TYR B 194 20.64 12.24 -11.80
C TYR B 194 19.78 13.37 -12.35
N ASN B 195 19.12 14.12 -11.47
CA ASN B 195 18.36 15.29 -11.92
C ASN B 195 19.31 16.43 -12.24
N PRO B 196 19.19 17.05 -13.42
CA PRO B 196 20.07 18.18 -13.74
C PRO B 196 19.91 19.36 -12.79
N PHE B 197 18.73 19.58 -12.24
CA PHE B 197 18.46 20.76 -11.43
C PHE B 197 18.69 20.50 -9.94
N PHE B 198 18.03 19.48 -9.39
CA PHE B 198 18.08 19.19 -7.96
C PHE B 198 18.47 17.72 -7.76
N PRO B 199 19.75 17.39 -7.95
CA PRO B 199 20.19 16.01 -7.68
C PRO B 199 20.08 15.68 -6.20
N ALA B 200 19.76 14.43 -5.92
CA ALA B 200 19.65 13.92 -4.56
C ALA B 200 20.81 13.00 -4.25
N LYS B 201 21.11 12.86 -2.96
CA LYS B 201 22.19 11.97 -2.55
C LYS B 201 21.87 10.53 -2.92
N LEU B 202 22.87 9.84 -3.49
CA LEU B 202 22.66 8.48 -3.95
C LEU B 202 22.49 7.53 -2.78
N VAL B 203 21.54 6.60 -2.92
CA VAL B 203 21.31 5.55 -1.93
C VAL B 203 21.65 4.22 -2.58
N ILE B 204 22.62 3.52 -2.02
CA ILE B 204 23.14 2.27 -2.57
C ILE B 204 22.67 1.13 -1.67
N PRO B 205 21.99 0.13 -2.21
CA PRO B 205 21.64 -1.05 -1.40
C PRO B 205 22.89 -1.82 -1.01
N ILE B 206 22.80 -2.53 0.11
CA ILE B 206 23.93 -3.32 0.60
C ILE B 206 24.24 -4.42 -0.39
N THR B 207 25.51 -4.50 -0.81
CA THR B 207 25.94 -5.45 -1.82
C THR B 207 26.81 -6.57 -1.27
N THR B 208 27.64 -6.29 -0.28
CA THR B 208 28.52 -7.29 0.30
C THR B 208 28.28 -7.39 1.80
N ALA B 209 28.67 -8.52 2.37
CA ALA B 209 28.51 -8.73 3.80
C ALA B 209 29.49 -7.86 4.56
N PRO B 210 29.04 -7.04 5.51
CA PRO B 210 29.97 -6.19 6.25
C PRO B 210 30.88 -7.01 7.15
N GLN B 211 32.09 -6.49 7.34
CA GLN B 211 33.06 -7.06 8.28
C GLN B 211 33.08 -6.19 9.53
N ILE B 212 32.68 -6.77 10.65
CA ILE B 212 32.56 -6.04 11.91
C ILE B 212 33.64 -6.56 12.86
N SER B 213 34.49 -5.65 13.33
CA SER B 213 35.49 -5.97 14.34
C SER B 213 34.91 -5.65 15.71
N TRP B 214 34.39 -6.67 16.39
CA TRP B 214 33.70 -6.46 17.66
C TRP B 214 34.65 -6.02 18.76
N SER B 215 35.96 -6.20 18.58
CA SER B 215 36.92 -5.70 19.55
C SER B 215 37.08 -4.19 19.46
N ASP B 216 36.63 -3.57 18.37
CA ASP B 216 36.71 -2.14 18.19
C ASP B 216 35.47 -1.39 18.66
N LEU B 217 34.49 -2.11 19.21
CA LEU B 217 33.29 -1.45 19.74
C LEU B 217 33.65 -0.56 20.91
N SER B 218 33.15 0.67 20.89
CA SER B 218 33.47 1.67 21.90
C SER B 218 32.23 1.94 22.74
N ALA B 219 32.37 1.78 24.06
CA ALA B 219 31.27 2.08 24.96
C ALA B 219 30.96 3.57 24.97
N LEU B 220 31.98 4.41 24.87
CA LEU B 220 31.76 5.85 24.85
C LEU B 220 30.97 6.26 23.60
N GLU B 221 31.33 5.71 22.44
CA GLU B 221 30.59 6.02 21.22
C GLU B 221 29.15 5.49 21.29
N LEU B 222 28.97 4.30 21.88
CA LEU B 222 27.63 3.77 22.05
C LEU B 222 26.78 4.67 22.92
N LEU B 223 27.36 5.18 24.02
CA LEU B 223 26.63 6.11 24.87
C LEU B 223 26.34 7.42 24.17
N LYS B 224 27.30 7.91 23.38
CA LYS B 224 27.13 9.16 22.65
C LYS B 224 26.10 9.04 21.53
N SER B 225 25.86 7.83 21.02
CA SER B 225 24.88 7.65 19.95
C SER B 225 23.45 7.84 20.41
N ILE B 226 23.19 7.95 21.72
CA ILE B 226 21.83 8.17 22.21
C ILE B 226 21.43 9.62 21.92
N PRO B 227 22.21 10.64 22.30
CA PRO B 227 21.87 12.00 21.85
C PRO B 227 21.83 12.12 20.33
N VAL B 228 22.75 11.46 19.63
CA VAL B 228 22.73 11.50 18.17
C VAL B 228 21.49 10.80 17.63
N GLY B 229 21.08 9.71 18.28
CA GLY B 229 19.85 9.04 17.88
C GLY B 229 18.63 9.93 18.04
N VAL B 230 18.57 10.68 19.14
CA VAL B 230 17.45 11.60 19.34
C VAL B 230 17.51 12.75 18.35
N GLY B 231 18.72 13.24 18.05
CA GLY B 231 18.86 14.35 17.13
C GLY B 231 18.66 14.00 15.68
N GLN B 232 18.79 12.73 15.31
CA GLN B 232 18.57 12.32 13.93
C GLN B 232 17.11 12.32 13.53
N ILE B 233 16.19 12.65 14.44
CA ILE B 233 14.80 12.86 14.06
C ILE B 233 14.71 13.98 13.04
N TYR B 234 15.50 15.04 13.24
CA TYR B 234 15.62 16.13 12.28
C TYR B 234 16.76 15.90 11.29
N GLY B 235 17.32 14.69 11.23
CA GLY B 235 18.42 14.44 10.32
C GLY B 235 19.74 15.04 10.74
N CYS B 236 19.91 15.35 12.01
CA CYS B 236 21.12 15.98 12.53
C CYS B 236 21.95 14.94 13.29
N ASP B 237 23.24 14.87 12.97
CA ASP B 237 24.14 13.91 13.58
C ASP B 237 25.02 14.53 14.66
N ASN B 238 24.81 15.80 14.98
CA ASN B 238 25.60 16.47 16.01
C ASN B 238 25.15 16.02 17.40
N PRO B 239 26.05 15.50 18.24
CA PRO B 239 25.64 15.14 19.61
C PRO B 239 25.14 16.33 20.41
N TRP B 240 25.70 17.52 20.20
CA TRP B 240 25.21 18.71 20.88
C TRP B 240 23.79 19.05 20.44
N THR B 241 23.50 18.90 19.15
CA THR B 241 22.15 19.15 18.65
C THR B 241 21.16 18.17 19.28
N GLY B 242 21.53 16.89 19.39
CA GLY B 242 20.66 15.92 20.03
C GLY B 242 20.47 16.20 21.51
N GLY B 243 21.53 16.65 22.18
CA GLY B 243 21.39 17.04 23.57
C GLY B 243 20.46 18.22 23.76
N ILE B 244 20.55 19.20 22.86
CA ILE B 244 19.64 20.35 22.91
C ILE B 244 18.20 19.91 22.66
N PHE B 245 18.00 18.99 21.71
CA PHE B 245 16.66 18.46 21.45
C PHE B 245 16.12 17.73 22.68
N LEU B 246 16.95 16.93 23.33
CA LEU B 246 16.52 16.24 24.54
C LEU B 246 16.20 17.22 25.65
N GLY B 247 16.99 18.30 25.77
CA GLY B 247 16.69 19.32 26.75
C GLY B 247 15.36 20.01 26.49
N ALA B 248 15.07 20.31 25.22
CA ALA B 248 13.78 20.91 24.88
C ALA B 248 12.63 19.96 25.20
N ILE B 249 12.78 18.68 24.88
CA ILE B 249 11.74 17.70 25.18
C ILE B 249 11.54 17.60 26.69
N LEU B 250 12.63 17.59 27.46
CA LEU B 250 12.53 17.56 28.91
C LEU B 250 11.84 18.80 29.45
N LEU B 251 12.11 19.96 28.84
CA LEU B 251 11.41 21.17 29.22
C LEU B 251 9.91 21.03 28.99
N SER B 252 9.53 20.44 27.85
CA SER B 252 8.11 20.16 27.62
C SER B 252 7.58 19.12 28.60
N SER B 253 8.26 17.98 28.71
CA SER B 253 7.85 16.91 29.60
C SER B 253 9.01 15.98 29.92
N PRO B 254 9.35 15.79 31.20
CA PRO B 254 10.46 14.88 31.53
C PRO B 254 10.24 13.44 31.08
N LEU B 255 8.99 12.97 31.15
CA LEU B 255 8.70 11.60 30.73
C LEU B 255 8.95 11.41 29.24
N MET B 256 8.63 12.43 28.44
CA MET B 256 8.89 12.35 27.00
C MET B 256 10.38 12.25 26.73
N CYS B 257 11.20 13.02 27.45
CA CYS B 257 12.64 12.95 27.27
C CYS B 257 13.18 11.59 27.69
N LEU B 258 12.69 11.06 28.82
CA LEU B 258 13.11 9.74 29.25
C LEU B 258 12.76 8.68 28.21
N HIS B 259 11.56 8.75 27.65
CA HIS B 259 11.15 7.77 26.65
C HIS B 259 11.94 7.94 25.36
N ALA B 260 12.29 9.17 24.99
CA ALA B 260 13.14 9.38 23.82
C ALA B 260 14.51 8.74 24.01
N ALA B 261 15.11 8.95 25.18
CA ALA B 261 16.41 8.36 25.47
C ALA B 261 16.34 6.84 25.46
N ILE B 262 15.29 6.28 26.07
CA ILE B 262 15.15 4.83 26.11
C ILE B 262 14.92 4.27 24.72
N GLY B 263 14.16 4.98 23.88
CA GLY B 263 13.95 4.52 22.52
C GLY B 263 15.22 4.54 21.70
N SER B 264 16.04 5.59 21.87
CA SER B 264 17.33 5.62 21.18
C SER B 264 18.23 4.47 21.65
N LEU B 265 18.25 4.20 22.96
CA LEU B 265 19.04 3.09 23.47
C LEU B 265 18.55 1.76 22.92
N LEU B 266 17.23 1.58 22.82
CA LEU B 266 16.68 0.35 22.27
C LEU B 266 16.99 0.20 20.80
N GLY B 267 17.00 1.31 20.05
CA GLY B 267 17.44 1.25 18.67
C GLY B 267 18.88 0.83 18.55
N ILE B 268 19.74 1.35 19.43
CA ILE B 268 21.14 0.93 19.44
C ILE B 268 21.25 -0.57 19.75
N ALA B 269 20.47 -1.05 20.71
CA ALA B 269 20.50 -2.47 21.05
C ALA B 269 20.04 -3.33 19.88
N ALA B 270 18.98 -2.90 19.18
CA ALA B 270 18.50 -3.64 18.02
C ALA B 270 19.55 -3.64 16.91
N GLY B 271 20.25 -2.53 16.73
CA GLY B 271 21.32 -2.50 15.74
C GLY B 271 22.46 -3.44 16.09
N LEU B 272 22.79 -3.52 17.39
CA LEU B 272 23.82 -4.46 17.82
C LEU B 272 23.38 -5.90 17.62
N SER B 273 22.09 -6.18 17.85
CA SER B 273 21.60 -7.54 17.72
C SER B 273 21.62 -8.07 16.29
N LEU B 274 21.60 -7.17 15.30
CA LEU B 274 21.62 -7.57 13.90
C LEU B 274 22.99 -7.41 13.25
N SER B 275 24.04 -7.19 14.06
CA SER B 275 25.41 -7.02 13.56
C SER B 275 25.50 -5.90 12.53
N ALA B 276 24.83 -4.79 12.82
CA ALA B 276 24.89 -3.63 11.95
C ALA B 276 26.28 -2.99 12.03
N PRO B 277 26.70 -2.31 10.97
CA PRO B 277 27.99 -1.60 11.02
C PRO B 277 28.00 -0.57 12.13
N PHE B 278 29.15 -0.44 12.79
CA PHE B 278 29.26 0.47 13.93
C PHE B 278 29.09 1.92 13.50
N GLU B 279 29.48 2.26 12.28
CA GLU B 279 29.33 3.64 11.82
C GLU B 279 27.86 4.04 11.67
N ASP B 280 26.99 3.08 11.34
CA ASP B 280 25.57 3.39 11.25
C ASP B 280 24.96 3.59 12.64
N ILE B 281 25.44 2.81 13.62
CA ILE B 281 24.94 2.96 14.99
C ILE B 281 25.42 4.27 15.59
N TYR B 282 26.69 4.62 15.39
CA TYR B 282 27.24 5.85 15.92
C TYR B 282 26.62 7.09 15.28
N PHE B 283 26.10 6.96 14.06
CA PHE B 283 25.50 8.08 13.35
C PHE B 283 24.06 8.34 13.78
N GLY B 284 23.49 7.52 14.64
CA GLY B 284 22.12 7.70 15.07
C GLY B 284 21.08 7.24 14.09
N LEU B 285 21.47 6.54 13.02
CA LEU B 285 20.53 6.07 12.02
C LEU B 285 19.65 4.94 12.53
N TRP B 286 19.98 4.35 13.67
CA TRP B 286 19.22 3.24 14.23
C TRP B 286 18.27 3.66 15.34
N GLY B 287 18.41 4.87 15.88
CA GLY B 287 17.64 5.24 17.05
C GLY B 287 16.65 6.35 16.87
N PHE B 288 16.59 6.96 15.69
CA PHE B 288 15.69 8.09 15.49
C PHE B 288 14.25 7.67 15.19
N ASN B 289 14.02 6.40 14.85
CA ASN B 289 12.66 5.89 14.68
C ASN B 289 12.14 5.29 15.98
N SER B 290 12.97 4.49 16.66
CA SER B 290 12.56 3.90 17.93
C SER B 290 12.34 4.95 19.00
N SER B 291 13.12 6.03 18.99
CA SER B 291 12.91 7.12 19.95
C SER B 291 11.54 7.75 19.76
N LEU B 292 11.17 8.04 18.52
CA LEU B 292 9.85 8.60 18.24
C LEU B 292 8.75 7.62 18.63
N ALA B 293 8.95 6.33 18.34
CA ALA B 293 7.95 5.33 18.70
C ALA B 293 7.77 5.25 20.21
N CYS B 294 8.87 5.31 20.96
CA CYS B 294 8.78 5.27 22.42
C CYS B 294 8.13 6.53 22.96
N ILE B 295 8.38 7.68 22.34
CA ILE B 295 7.71 8.91 22.76
C ILE B 295 6.20 8.79 22.53
N ALA B 296 5.81 8.29 21.35
CA ALA B 296 4.40 8.25 21.00
C ALA B 296 3.65 7.22 21.84
N MET B 297 4.19 6.01 21.95
CA MET B 297 3.50 4.95 22.66
C MET B 297 3.66 5.04 24.17
N GLY B 298 4.61 5.83 24.66
CA GLY B 298 4.80 5.98 26.09
C GLY B 298 4.22 7.26 26.63
N GLY B 299 3.03 7.20 27.22
CA GLY B 299 2.43 8.35 27.87
C GLY B 299 1.68 9.29 26.94
N MET B 300 2.08 9.35 25.68
CA MET B 300 1.51 10.36 24.77
C MET B 300 0.16 9.92 24.23
N PHE B 301 0.12 8.82 23.47
CA PHE B 301 -1.11 8.34 22.88
C PHE B 301 -1.66 7.10 23.58
N MET B 302 -0.93 6.55 24.54
CA MET B 302 -1.44 5.54 25.45
C MET B 302 -1.16 6.00 26.87
N ALA B 303 -2.13 5.77 27.76
CA ALA B 303 -1.97 6.18 29.15
C ALA B 303 -0.73 5.52 29.76
N LEU B 304 0.02 6.29 30.54
CA LEU B 304 1.30 5.83 31.05
C LEU B 304 1.09 4.91 32.23
N THR B 305 1.41 3.63 32.05
CA THR B 305 1.44 2.64 33.11
C THR B 305 2.65 1.75 32.85
N TRP B 306 3.04 0.95 33.85
CA TRP B 306 4.18 0.07 33.66
C TRP B 306 3.92 -0.94 32.55
N GLN B 307 2.67 -1.40 32.41
CA GLN B 307 2.31 -2.25 31.28
C GLN B 307 2.50 -1.50 29.97
N THR B 308 2.02 -0.26 29.90
CA THR B 308 2.21 0.52 28.68
C THR B 308 3.66 0.94 28.51
N HIS B 309 4.42 1.07 29.60
CA HIS B 309 5.84 1.32 29.47
C HIS B 309 6.55 0.15 28.79
N LEU B 310 6.24 -1.07 29.22
CA LEU B 310 6.82 -2.25 28.57
C LEU B 310 6.33 -2.37 27.13
N LEU B 311 5.07 -2.03 26.87
CA LEU B 311 4.56 -2.03 25.51
C LEU B 311 5.30 -1.03 24.64
N ALA B 312 5.63 0.14 25.21
CA ALA B 312 6.39 1.14 24.47
C ALA B 312 7.80 0.66 24.19
N LEU B 313 8.42 -0.04 25.15
CA LEU B 313 9.75 -0.61 24.90
C LEU B 313 9.70 -1.63 23.76
N GLY B 314 8.70 -2.51 23.79
CA GLY B 314 8.54 -3.48 22.71
C GLY B 314 8.27 -2.81 21.38
N CYS B 315 7.48 -1.74 21.38
CA CYS B 315 7.20 -1.01 20.16
C CYS B 315 8.46 -0.33 19.63
N ALA B 316 9.31 0.17 20.52
CA ALA B 316 10.57 0.76 20.07
C ALA B 316 11.48 -0.29 19.44
N LEU B 317 11.57 -1.47 20.04
CA LEU B 317 12.36 -2.54 19.43
C LEU B 317 11.81 -2.94 18.06
N PHE B 318 10.50 -3.14 17.99
CA PHE B 318 9.84 -3.47 16.73
C PHE B 318 10.05 -2.37 15.70
N THR B 319 10.05 -1.12 16.14
CA THR B 319 10.22 0.00 15.23
C THR B 319 11.64 0.05 14.70
N ALA B 320 12.64 -0.26 15.53
CA ALA B 320 14.01 -0.31 15.02
C ALA B 320 14.18 -1.43 14.00
N TYR B 321 13.60 -2.61 14.28
CA TYR B 321 13.71 -3.71 13.31
C TYR B 321 12.97 -3.38 12.01
N LEU B 322 11.77 -2.81 12.11
CA LEU B 322 11.07 -2.36 10.92
C LEU B 322 11.83 -1.25 10.21
N GLY B 323 12.58 -0.44 10.96
CA GLY B 323 13.36 0.62 10.33
C GLY B 323 14.47 0.08 9.47
N VAL B 324 15.22 -0.90 9.98
CA VAL B 324 16.27 -1.48 9.15
C VAL B 324 15.66 -2.26 7.98
N GLY B 325 14.53 -2.92 8.21
CA GLY B 325 13.86 -3.61 7.11
C GLY B 325 13.42 -2.67 6.01
N MET B 326 12.80 -1.54 6.38
CA MET B 326 12.32 -0.57 5.40
C MET B 326 13.49 0.13 4.72
N ALA B 327 14.56 0.41 5.45
CA ALA B 327 15.74 1.00 4.83
C ALA B 327 16.32 0.08 3.78
N ASN B 328 16.42 -1.21 4.08
CA ASN B 328 16.90 -2.17 3.09
C ASN B 328 15.94 -2.28 1.90
N PHE B 329 14.63 -2.25 2.17
CA PHE B 329 13.66 -2.39 1.10
C PHE B 329 13.70 -1.21 0.14
N MET B 330 13.64 0.02 0.67
CA MET B 330 13.65 1.20 -0.19
C MET B 330 15.04 1.58 -0.68
N ALA B 331 16.10 0.95 -0.16
CA ALA B 331 17.41 1.12 -0.79
C ALA B 331 17.45 0.48 -2.17
N GLU B 332 16.58 -0.49 -2.43
CA GLU B 332 16.51 -1.12 -3.75
C GLU B 332 15.86 -0.21 -4.78
N VAL B 333 15.09 0.79 -4.34
CA VAL B 333 14.47 1.75 -5.24
C VAL B 333 15.13 3.12 -5.13
N GLY B 334 16.26 3.22 -4.44
CA GLY B 334 16.97 4.48 -4.33
C GLY B 334 16.34 5.50 -3.42
N LEU B 335 15.64 5.06 -2.39
CA LEU B 335 14.96 5.97 -1.48
C LEU B 335 15.36 5.69 -0.04
N PRO B 336 15.43 6.72 0.79
CA PRO B 336 15.61 6.49 2.23
C PRO B 336 14.28 6.21 2.92
N ALA B 337 14.35 5.37 3.94
CA ALA B 337 13.15 5.02 4.69
C ALA B 337 12.61 6.23 5.46
N CYS B 338 13.50 7.03 6.04
CA CYS B 338 13.14 8.21 6.84
C CYS B 338 12.28 7.74 8.01
N THR B 339 11.09 8.30 8.23
CA THR B 339 10.25 7.94 9.36
C THR B 339 9.05 7.08 8.97
N TRP B 340 9.11 6.44 7.80
CA TRP B 340 8.07 5.46 7.45
C TRP B 340 7.94 4.35 8.50
N PRO B 341 9.02 3.69 8.95
CA PRO B 341 8.84 2.63 9.96
C PRO B 341 8.23 3.11 11.26
N PHE B 342 8.59 4.32 11.71
CA PHE B 342 8.02 4.82 12.95
C PHE B 342 6.50 4.98 12.83
N CYS B 343 6.04 5.62 11.77
CA CYS B 343 4.61 5.81 11.57
C CYS B 343 3.90 4.46 11.45
N LEU B 344 4.46 3.56 10.65
CA LEU B 344 3.80 2.27 10.43
C LEU B 344 3.71 1.47 11.72
N ALA B 345 4.82 1.37 12.46
CA ALA B 345 4.82 0.58 13.69
C ALA B 345 3.94 1.20 14.76
N THR B 346 3.97 2.53 14.90
CA THR B 346 3.14 3.17 15.91
C THR B 346 1.66 3.03 15.59
N LEU B 347 1.29 3.17 14.32
CA LEU B 347 -0.10 2.95 13.93
C LEU B 347 -0.50 1.49 14.17
N LEU B 348 0.40 0.55 13.87
CA LEU B 348 0.11 -0.86 14.09
C LEU B 348 -0.12 -1.14 15.57
N PHE B 349 0.69 -0.57 16.44
CA PHE B 349 0.53 -0.80 17.87
C PHE B 349 -0.67 -0.06 18.44
N LEU B 350 -1.05 1.06 17.84
CA LEU B 350 -2.24 1.77 18.30
C LEU B 350 -3.53 1.10 17.87
N ILE B 351 -3.55 0.49 16.69
CA ILE B 351 -4.75 -0.20 16.23
C ILE B 351 -4.97 -1.48 17.02
N MET B 352 -3.90 -2.13 17.47
CA MET B 352 -4.03 -3.38 18.21
C MET B 352 -4.89 -3.18 19.45
N THR B 353 -5.82 -4.12 19.67
CA THR B 353 -6.74 -4.06 20.80
C THR B 353 -6.49 -5.22 21.74
N THR B 354 -6.44 -4.92 23.04
CA THR B 354 -6.25 -5.92 24.07
C THR B 354 -7.36 -5.79 25.10
N LYS B 355 -7.70 -6.91 25.73
CA LYS B 355 -8.70 -6.92 26.81
C LYS B 355 -8.04 -6.69 28.16
N ASN B 356 -7.23 -5.63 28.24
CA ASN B 356 -6.52 -5.26 29.46
C ASN B 356 -6.90 -3.83 29.82
N SER B 357 -7.43 -3.65 31.04
CA SER B 357 -7.86 -2.33 31.47
C SER B 357 -6.67 -1.38 31.67
N ASN B 358 -5.51 -1.92 32.00
CA ASN B 358 -4.34 -1.10 32.26
C ASN B 358 -3.62 -0.67 30.99
N ILE B 359 -3.97 -1.23 29.84
CA ILE B 359 -3.42 -0.81 28.56
C ILE B 359 -4.51 0.04 27.90
N TYR B 360 -4.43 1.35 28.10
CA TYR B 360 -5.48 2.28 27.73
C TYR B 360 -4.99 3.18 26.61
N LYS B 361 -5.80 3.31 25.56
CA LYS B 361 -5.53 4.21 24.45
C LYS B 361 -6.26 5.51 24.67
N MET B 362 -5.51 6.60 24.77
CA MET B 362 -6.12 7.88 25.09
C MET B 362 -6.95 8.40 23.93
N PRO B 363 -8.08 9.06 24.19
CA PRO B 363 -8.83 9.70 23.11
C PRO B 363 -7.99 10.78 22.44
N LEU B 364 -8.17 10.93 21.12
CA LEU B 364 -7.36 11.87 20.35
C LEU B 364 -7.59 13.32 20.78
N SER B 365 -8.75 13.63 21.35
CA SER B 365 -9.05 15.00 21.73
C SER B 365 -8.51 15.38 23.10
N LYS B 366 -7.99 14.43 23.87
CA LYS B 366 -7.48 14.69 25.21
C LYS B 366 -5.98 14.45 25.33
N VAL B 367 -5.28 14.30 24.21
CA VAL B 367 -3.84 14.02 24.21
C VAL B 367 -3.10 15.35 24.24
N THR B 368 -2.49 15.66 25.39
CA THR B 368 -1.67 16.86 25.52
C THR B 368 -0.21 16.52 25.82
N TYR B 369 0.06 15.80 26.91
CA TYR B 369 1.40 15.36 27.26
C TYR B 369 1.27 14.32 28.37
N PRO B 370 2.30 13.48 28.57
CA PRO B 370 2.12 12.28 29.40
C PRO B 370 1.63 12.54 30.82
N GLU B 371 2.01 13.66 31.45
CA GLU B 371 1.54 13.93 32.80
C GLU B 371 0.04 14.17 32.83
N GLU B 372 -0.45 15.06 31.97
CA GLU B 372 -1.88 15.31 31.90
C GLU B 372 -2.63 14.09 31.40
N ASN B 373 -2.03 13.33 30.48
CA ASN B 373 -2.66 12.10 30.02
C ASN B 373 -2.84 11.10 31.15
N ARG B 374 -1.81 10.93 31.98
CA ARG B 374 -1.91 10.02 33.11
C ARG B 374 -2.93 10.51 34.13
N ILE B 375 -2.98 11.82 34.36
CA ILE B 375 -3.97 12.37 35.29
C ILE B 375 -5.39 12.08 34.79
N PHE B 376 -5.62 12.31 33.48
CA PHE B 376 -6.93 12.06 32.91
C PHE B 376 -7.28 10.57 32.98
N TYR B 377 -6.31 9.70 32.71
CA TYR B 377 -6.56 8.26 32.78
C TYR B 377 -6.90 7.83 34.20
N LEU B 378 -6.19 8.37 35.18
CA LEU B 378 -6.48 8.03 36.58
C LEU B 378 -7.87 8.53 36.97
N GLN B 379 -8.25 9.72 36.52
CA GLN B 379 -9.59 10.23 36.81
C GLN B 379 -10.66 9.36 36.16
N ALA B 380 -10.43 8.93 34.92
CA ALA B 380 -11.42 8.10 34.23
C ALA B 380 -11.50 6.70 34.82
N LYS B 381 -10.39 6.19 35.37
CA LYS B 381 -10.41 4.86 35.97
C LYS B 381 -11.32 4.80 37.18
N LYS B 382 -11.30 5.83 38.02
CA LYS B 382 -12.14 5.87 39.21
C LYS B 382 -13.51 6.46 38.88
N GLY C 36 -27.25 19.67 -30.07
CA GLY C 36 -27.83 19.62 -28.74
C GLY C 36 -28.31 18.24 -28.36
N TYR C 37 -28.68 17.44 -29.36
CA TYR C 37 -29.13 16.08 -29.11
C TYR C 37 -27.97 15.16 -28.78
N VAL C 38 -26.76 15.46 -29.26
CA VAL C 38 -25.60 14.62 -29.04
C VAL C 38 -24.67 15.17 -27.97
N THR C 39 -24.96 16.35 -27.43
CA THR C 39 -24.12 16.94 -26.40
C THR C 39 -24.46 16.36 -25.03
N GLY C 40 -23.52 16.52 -24.10
CA GLY C 40 -23.74 16.03 -22.75
C GLY C 40 -23.66 14.52 -22.70
N ASP C 41 -24.56 13.92 -21.91
CA ASP C 41 -24.65 12.47 -21.79
C ASP C 41 -25.65 11.86 -22.76
N MET C 42 -26.39 12.67 -23.50
CA MET C 42 -27.49 12.22 -24.37
C MET C 42 -28.43 11.27 -23.61
N LYS C 43 -29.08 11.82 -22.58
CA LYS C 43 -30.05 11.06 -21.82
C LYS C 43 -31.24 10.67 -22.67
N GLU C 44 -31.57 11.47 -23.69
CA GLU C 44 -32.67 11.14 -24.58
C GLU C 44 -32.39 9.85 -25.34
N LEU C 45 -31.16 9.68 -25.82
CA LEU C 45 -30.81 8.46 -26.53
C LEU C 45 -30.92 7.24 -25.62
N ALA C 46 -30.47 7.36 -24.37
CA ALA C 46 -30.58 6.26 -23.42
C ALA C 46 -32.04 5.93 -23.15
N ASN C 47 -32.89 6.95 -22.98
CA ASN C 47 -34.30 6.72 -22.74
C ASN C 47 -34.95 6.04 -23.93
N GLN C 48 -34.58 6.44 -25.14
CA GLN C 48 -35.14 5.81 -26.34
C GLN C 48 -34.64 4.39 -26.52
N LEU C 49 -33.40 4.11 -26.13
CA LEU C 49 -32.83 2.78 -26.27
C LEU C 49 -33.22 1.83 -25.14
N LYS C 50 -33.78 2.35 -24.05
CA LYS C 50 -34.15 1.51 -22.92
C LYS C 50 -35.18 0.45 -23.29
N ASP C 51 -35.95 0.65 -24.36
CA ASP C 51 -36.95 -0.33 -24.81
C ASP C 51 -36.61 -0.91 -26.17
N LYS C 52 -35.37 -0.79 -26.61
CA LYS C 52 -34.92 -1.32 -27.89
C LYS C 52 -34.35 -2.72 -27.71
N PRO C 53 -34.11 -3.44 -28.81
CA PRO C 53 -33.45 -4.75 -28.69
C PRO C 53 -32.08 -4.62 -28.02
N VAL C 54 -31.71 -5.66 -27.27
CA VAL C 54 -30.54 -5.61 -26.42
C VAL C 54 -29.22 -5.50 -27.18
N VAL C 55 -29.22 -5.77 -28.49
CA VAL C 55 -28.00 -5.62 -29.28
C VAL C 55 -27.62 -4.15 -29.40
N LEU C 56 -28.59 -3.30 -29.73
CA LEU C 56 -28.33 -1.87 -29.80
C LEU C 56 -27.94 -1.32 -28.43
N GLN C 57 -28.59 -1.80 -27.37
CA GLN C 57 -28.22 -1.38 -26.03
C GLN C 57 -26.79 -1.78 -25.70
N PHE C 58 -26.38 -2.98 -26.08
CA PHE C 58 -25.01 -3.42 -25.83
C PHE C 58 -24.01 -2.58 -26.62
N ILE C 59 -24.34 -2.23 -27.87
CA ILE C 59 -23.46 -1.36 -28.65
C ILE C 59 -23.33 0.00 -27.98
N ASP C 60 -24.45 0.55 -27.50
CA ASP C 60 -24.42 1.82 -26.80
C ASP C 60 -23.58 1.74 -25.53
N TRP C 61 -23.70 0.63 -24.80
CA TRP C 61 -22.89 0.44 -23.60
C TRP C 61 -21.41 0.38 -23.93
N ILE C 62 -21.05 -0.30 -25.02
CA ILE C 62 -19.65 -0.39 -25.42
C ILE C 62 -19.12 0.99 -25.78
N LEU C 63 -19.91 1.77 -26.52
CA LEU C 63 -19.46 3.11 -26.91
C LEU C 63 -19.31 4.01 -25.68
N ARG C 64 -20.26 3.93 -24.74
CA ARG C 64 -20.17 4.72 -23.52
C ARG C 64 -18.97 4.31 -22.68
N GLY C 65 -18.68 3.01 -22.60
CA GLY C 65 -17.50 2.55 -21.90
C GLY C 65 -16.22 3.03 -22.55
N ILE C 66 -16.19 3.06 -23.87
CA ILE C 66 -15.03 3.61 -24.57
C ILE C 66 -14.85 5.08 -24.22
N SER C 67 -15.95 5.84 -24.20
CA SER C 67 -15.86 7.26 -23.92
C SER C 67 -15.59 7.58 -22.46
N GLN C 68 -15.92 6.68 -21.53
CA GLN C 68 -15.82 6.97 -20.11
C GLN C 68 -14.39 7.03 -19.58
N VAL C 69 -13.39 6.77 -20.42
CA VAL C 69 -12.01 6.91 -19.96
C VAL C 69 -11.70 8.35 -19.60
N VAL C 70 -12.30 9.30 -20.31
CA VAL C 70 -12.07 10.72 -20.06
C VAL C 70 -13.26 11.31 -19.34
N PHE C 71 -13.98 10.47 -18.58
CA PHE C 71 -15.15 10.89 -17.81
C PHE C 71 -16.24 11.45 -18.71
N VAL C 72 -16.47 10.78 -19.84
CA VAL C 72 -17.46 11.21 -20.82
C VAL C 72 -18.47 10.08 -21.00
N ASN C 73 -19.76 10.42 -20.90
CA ASN C 73 -20.85 9.46 -21.05
C ASN C 73 -21.55 9.61 -22.40
N ASN C 74 -20.80 9.90 -23.46
CA ASN C 74 -21.37 10.18 -24.77
C ASN C 74 -21.02 9.05 -25.73
N PRO C 75 -21.99 8.30 -26.25
CA PRO C 75 -21.67 7.30 -27.28
C PRO C 75 -21.07 7.90 -28.55
N VAL C 76 -21.47 9.11 -28.92
CA VAL C 76 -20.88 9.75 -30.09
C VAL C 76 -19.42 10.10 -29.82
N SER C 77 -19.12 10.55 -28.59
CA SER C 77 -17.73 10.75 -28.21
C SER C 77 -16.97 9.43 -28.19
N GLY C 78 -17.64 8.33 -27.84
CA GLY C 78 -17.02 7.03 -27.95
C GLY C 78 -16.67 6.66 -29.39
N ILE C 79 -17.58 6.96 -30.32
CA ILE C 79 -17.29 6.73 -31.73
C ILE C 79 -16.11 7.58 -32.19
N LEU C 80 -16.08 8.84 -31.76
CA LEU C 80 -14.97 9.72 -32.12
C LEU C 80 -13.65 9.20 -31.54
N ILE C 81 -13.67 8.72 -30.30
CA ILE C 81 -12.46 8.17 -29.70
C ILE C 81 -12.01 6.91 -30.41
N LEU C 82 -12.96 6.08 -30.85
CA LEU C 82 -12.63 4.91 -31.65
C LEU C 82 -11.99 5.30 -32.97
N VAL C 83 -12.52 6.35 -33.60
CA VAL C 83 -11.94 6.85 -34.84
C VAL C 83 -10.51 7.34 -34.61
N GLY C 84 -10.29 8.06 -33.51
CA GLY C 84 -8.95 8.51 -33.19
C GLY C 84 -7.98 7.37 -32.93
N LEU C 85 -8.46 6.34 -32.23
CA LEU C 85 -7.62 5.16 -31.99
C LEU C 85 -7.28 4.45 -33.29
N LEU C 86 -8.26 4.35 -34.21
CA LEU C 86 -7.99 3.76 -35.51
C LEU C 86 -6.98 4.60 -36.28
N VAL C 87 -7.07 5.92 -36.16
CA VAL C 87 -6.09 6.80 -36.80
C VAL C 87 -4.69 6.53 -36.24
N GLN C 88 -4.58 6.39 -34.92
CA GLN C 88 -3.29 6.07 -34.32
C GLN C 88 -2.83 4.67 -34.71
N ASN C 89 -3.60 3.65 -34.33
CA ASN C 89 -3.25 2.27 -34.65
C ASN C 89 -4.50 1.40 -34.65
N PRO C 90 -4.86 0.80 -35.79
CA PRO C 90 -6.04 -0.08 -35.82
C PRO C 90 -5.92 -1.27 -34.89
N TRP C 91 -4.72 -1.81 -34.69
CA TRP C 91 -4.53 -2.93 -33.79
C TRP C 91 -4.87 -2.53 -32.35
N TRP C 92 -4.43 -1.35 -31.92
CA TRP C 92 -4.75 -0.87 -30.58
C TRP C 92 -6.25 -0.67 -30.42
N ALA C 93 -6.91 -0.11 -31.43
CA ALA C 93 -8.36 0.07 -31.37
C ALA C 93 -9.07 -1.27 -31.28
N LEU C 94 -8.61 -2.28 -32.04
CA LEU C 94 -9.22 -3.60 -31.98
C LEU C 94 -9.07 -4.21 -30.59
N THR C 95 -7.86 -4.11 -30.01
CA THR C 95 -7.64 -4.67 -28.68
C THR C 95 -8.51 -3.96 -27.64
N GLY C 96 -8.60 -2.63 -27.72
CA GLY C 96 -9.42 -1.90 -26.77
C GLY C 96 -10.90 -2.24 -26.90
N TRP C 97 -11.40 -2.33 -28.12
CA TRP C 97 -12.79 -2.69 -28.34
C TRP C 97 -13.08 -4.09 -27.81
N LEU C 98 -12.18 -5.04 -28.09
CA LEU C 98 -12.37 -6.40 -27.59
C LEU C 98 -12.37 -6.44 -26.07
N GLY C 99 -11.45 -5.69 -25.44
CA GLY C 99 -11.42 -5.65 -23.99
C GLY C 99 -12.69 -5.06 -23.40
N THR C 100 -13.19 -3.97 -24.00
CA THR C 100 -14.43 -3.37 -23.52
C THR C 100 -15.59 -4.34 -23.66
N VAL C 101 -15.68 -5.03 -24.80
CA VAL C 101 -16.78 -5.98 -25.02
C VAL C 101 -16.72 -7.10 -24.00
N VAL C 102 -15.53 -7.66 -23.78
CA VAL C 102 -15.40 -8.78 -22.84
C VAL C 102 -15.73 -8.32 -21.42
N SER C 103 -15.25 -7.14 -21.02
CA SER C 103 -15.55 -6.65 -19.68
C SER C 103 -17.03 -6.42 -19.48
N THR C 104 -17.70 -5.81 -20.47
CA THR C 104 -19.14 -5.59 -20.34
C THR C 104 -19.89 -6.91 -20.29
N LEU C 105 -19.49 -7.88 -21.12
CA LEU C 105 -20.16 -9.18 -21.11
C LEU C 105 -20.02 -9.88 -19.78
N MET C 106 -18.81 -9.85 -19.20
CA MET C 106 -18.62 -10.51 -17.91
C MET C 106 -19.27 -9.75 -16.76
N ALA C 107 -19.32 -8.42 -16.84
CA ALA C 107 -20.06 -7.65 -15.83
C ALA C 107 -21.54 -7.97 -15.88
N LEU C 108 -22.07 -8.19 -17.08
CA LEU C 108 -23.44 -8.72 -17.20
C LEU C 108 -23.54 -10.11 -16.60
N LEU C 109 -22.53 -10.95 -16.85
CA LEU C 109 -22.54 -12.31 -16.33
C LEU C 109 -22.40 -12.36 -14.81
N LEU C 110 -21.68 -11.40 -14.23
CA LEU C 110 -21.46 -11.35 -12.79
C LEU C 110 -22.61 -10.68 -12.05
N SER C 111 -23.69 -10.31 -12.74
CA SER C 111 -24.87 -9.72 -12.13
C SER C 111 -24.53 -8.43 -11.38
N GLN C 112 -23.76 -7.57 -12.03
CA GLN C 112 -23.45 -6.26 -11.47
C GLN C 112 -24.62 -5.32 -11.68
N ASP C 113 -24.50 -4.09 -11.18
CA ASP C 113 -25.57 -3.11 -11.31
C ASP C 113 -25.79 -2.76 -12.77
N ARG C 114 -27.04 -2.90 -13.23
CA ARG C 114 -27.36 -2.63 -14.62
C ARG C 114 -27.21 -1.15 -14.96
N SER C 115 -27.49 -0.26 -13.99
CA SER C 115 -27.34 1.17 -14.23
C SER C 115 -25.89 1.53 -14.51
N LEU C 116 -24.95 0.94 -13.76
CA LEU C 116 -23.54 1.21 -13.98
C LEU C 116 -23.08 0.66 -15.33
N ILE C 117 -23.57 -0.52 -15.70
CA ILE C 117 -23.20 -1.11 -16.99
C ILE C 117 -23.73 -0.26 -18.13
N ALA C 118 -24.95 0.26 -18.00
CA ALA C 118 -25.54 1.07 -19.06
C ALA C 118 -24.79 2.37 -19.26
N SER C 119 -24.18 2.91 -18.21
CA SER C 119 -23.44 4.17 -18.29
C SER C 119 -21.98 3.97 -18.67
N GLY C 120 -21.57 2.74 -18.95
CA GLY C 120 -20.20 2.47 -19.36
C GLY C 120 -19.20 2.37 -18.24
N LEU C 121 -19.64 2.38 -16.98
CA LEU C 121 -18.72 2.30 -15.86
C LEU C 121 -18.15 0.91 -15.66
N TYR C 122 -18.68 -0.10 -16.36
CA TYR C 122 -18.14 -1.46 -16.35
C TYR C 122 -17.64 -1.76 -17.76
N GLY C 123 -16.40 -1.39 -18.04
CA GLY C 123 -15.84 -1.60 -19.35
C GLY C 123 -14.89 -0.51 -19.80
N TYR C 124 -14.88 0.63 -19.10
CA TYR C 124 -13.96 1.70 -19.44
C TYR C 124 -12.55 1.42 -18.95
N ASN C 125 -12.39 0.59 -17.92
CA ASN C 125 -11.05 0.19 -17.50
C ASN C 125 -10.46 -0.86 -18.44
N ALA C 126 -11.28 -1.74 -18.99
CA ALA C 126 -10.77 -2.77 -19.88
C ALA C 126 -10.38 -2.21 -21.24
N THR C 127 -11.00 -1.11 -21.66
CA THR C 127 -10.53 -0.41 -22.85
C THR C 127 -9.07 -0.02 -22.70
N LEU C 128 -8.75 0.64 -21.58
CA LEU C 128 -7.37 1.00 -21.30
C LEU C 128 -6.49 -0.24 -21.16
N VAL C 129 -7.01 -1.28 -20.50
CA VAL C 129 -6.23 -2.51 -20.30
C VAL C 129 -5.81 -3.09 -21.65
N GLY C 130 -6.77 -3.25 -22.57
CA GLY C 130 -6.44 -3.81 -23.87
C GLY C 130 -5.56 -2.91 -24.70
N VAL C 131 -5.85 -1.61 -24.72
CA VAL C 131 -5.07 -0.69 -25.55
C VAL C 131 -3.63 -0.64 -25.06
N LEU C 132 -3.42 -0.52 -23.75
CA LEU C 132 -2.07 -0.43 -23.21
C LEU C 132 -1.36 -1.77 -23.19
N MET C 133 -2.09 -2.89 -23.21
CA MET C 133 -1.44 -4.18 -23.39
C MET C 133 -0.93 -4.33 -24.81
N ALA C 134 -1.68 -3.82 -25.79
CA ALA C 134 -1.16 -3.74 -27.15
C ALA C 134 0.00 -2.77 -27.25
N VAL C 135 -0.04 -1.67 -26.48
CA VAL C 135 1.02 -0.67 -26.53
C VAL C 135 2.32 -1.23 -25.95
N PHE C 136 2.23 -1.88 -24.79
CA PHE C 136 3.40 -2.36 -24.07
C PHE C 136 3.81 -3.77 -24.48
N SER C 137 3.45 -4.19 -25.69
CA SER C 137 3.82 -5.51 -26.18
C SER C 137 5.11 -5.43 -27.00
N ASP C 138 5.98 -6.41 -26.81
CA ASP C 138 7.26 -6.46 -27.50
C ASP C 138 7.22 -7.27 -28.78
N LYS C 139 6.05 -7.80 -29.16
CA LYS C 139 5.92 -8.65 -30.33
C LYS C 139 5.36 -7.92 -31.55
N GLY C 140 5.29 -6.60 -31.50
CA GLY C 140 4.83 -5.83 -32.63
C GLY C 140 3.31 -5.80 -32.75
N ASP C 141 2.86 -5.31 -33.89
CA ASP C 141 1.44 -5.14 -34.15
C ASP C 141 0.82 -6.42 -34.68
N TYR C 142 -0.49 -6.56 -34.47
CA TYR C 142 -1.27 -7.69 -34.97
C TYR C 142 -0.71 -9.02 -34.50
N PHE C 143 -0.29 -9.08 -33.24
CA PHE C 143 0.08 -10.32 -32.59
C PHE C 143 -1.19 -10.96 -32.05
N TRP C 144 -1.77 -11.89 -32.82
CA TRP C 144 -3.10 -12.41 -32.50
C TRP C 144 -3.14 -13.17 -31.19
N TRP C 145 -2.04 -13.82 -30.79
CA TRP C 145 -2.01 -14.51 -29.52
C TRP C 145 -2.23 -13.57 -28.34
N LEU C 146 -1.86 -12.29 -28.49
CA LEU C 146 -2.11 -11.31 -27.44
C LEU C 146 -3.59 -11.10 -27.18
N LEU C 147 -4.46 -11.52 -28.11
CA LEU C 147 -5.89 -11.48 -27.85
C LEU C 147 -6.30 -12.40 -26.72
N LEU C 148 -5.48 -13.42 -26.40
CA LEU C 148 -5.84 -14.33 -25.32
C LEU C 148 -5.63 -13.71 -23.95
N PRO C 149 -4.45 -13.19 -23.59
CA PRO C 149 -4.32 -12.54 -22.28
C PRO C 149 -5.22 -11.32 -22.13
N VAL C 150 -5.44 -10.56 -23.21
CA VAL C 150 -6.25 -9.34 -23.12
C VAL C 150 -7.63 -9.68 -22.55
N CYS C 151 -8.31 -10.65 -23.15
CA CYS C 151 -9.59 -11.08 -22.65
C CYS C 151 -9.49 -11.48 -21.18
N ALA C 152 -8.45 -12.25 -20.84
CA ALA C 152 -8.26 -12.67 -19.46
C ALA C 152 -8.20 -11.46 -18.53
N MET C 153 -7.42 -10.44 -18.92
CA MET C 153 -7.37 -9.24 -18.09
C MET C 153 -8.69 -8.49 -18.14
N SER C 154 -9.32 -8.45 -19.32
CA SER C 154 -10.67 -7.90 -19.39
C SER C 154 -11.64 -8.74 -18.58
N MET C 155 -11.29 -10.00 -18.33
CA MET C 155 -12.08 -10.84 -17.44
C MET C 155 -12.01 -10.32 -16.01
N THR C 156 -10.84 -9.83 -15.58
CA THR C 156 -10.66 -9.40 -14.19
C THR C 156 -11.05 -7.95 -13.97
N CYS C 157 -11.26 -7.17 -15.04
CA CYS C 157 -11.58 -5.75 -14.88
C CYS C 157 -12.89 -5.52 -14.13
N PRO C 158 -14.00 -6.21 -14.43
CA PRO C 158 -15.21 -5.98 -13.62
C PRO C 158 -15.02 -6.29 -12.15
N ILE C 159 -14.35 -7.40 -11.82
CA ILE C 159 -14.18 -7.79 -10.43
C ILE C 159 -13.47 -6.69 -9.65
N PHE C 160 -12.32 -6.24 -10.17
CA PHE C 160 -11.65 -5.08 -9.60
C PHE C 160 -12.62 -3.91 -9.48
N SER C 161 -13.32 -3.60 -10.58
CA SER C 161 -14.25 -2.47 -10.56
C SER C 161 -15.30 -2.66 -9.48
N SER C 162 -15.74 -3.90 -9.27
CA SER C 162 -16.67 -4.14 -8.16
C SER C 162 -15.96 -4.01 -6.83
N ALA C 163 -14.82 -4.67 -6.67
CA ALA C 163 -14.21 -4.79 -5.35
C ALA C 163 -13.79 -3.44 -4.81
N LEU C 164 -13.24 -2.59 -5.67
CA LEU C 164 -12.89 -1.23 -5.25
C LEU C 164 -14.14 -0.41 -4.98
N ASN C 165 -15.19 -0.56 -5.79
CA ASN C 165 -16.34 0.32 -5.68
C ASN C 165 -16.98 0.22 -4.31
N SER C 166 -17.29 -1.00 -3.86
CA SER C 166 -17.89 -1.19 -2.55
C SER C 166 -16.97 -0.65 -1.45
N MET C 167 -15.66 -0.65 -1.68
CA MET C 167 -14.76 -0.06 -0.70
C MET C 167 -14.79 1.46 -0.76
N LEU C 168 -14.89 2.03 -1.95
CA LEU C 168 -14.79 3.48 -2.10
C LEU C 168 -16.12 4.19 -1.99
N SER C 169 -17.22 3.56 -2.40
CA SER C 169 -18.53 4.18 -2.29
C SER C 169 -18.92 4.43 -0.84
N LYS C 170 -18.27 3.76 0.11
CA LYS C 170 -18.49 4.08 1.51
C LYS C 170 -18.05 5.50 1.84
N TRP C 171 -16.93 5.93 1.25
CA TRP C 171 -16.40 7.27 1.48
C TRP C 171 -16.77 8.24 0.37
N ASP C 172 -17.70 7.85 -0.51
CA ASP C 172 -18.18 8.70 -1.59
C ASP C 172 -17.04 9.14 -2.51
N LEU C 173 -16.29 8.16 -3.01
CA LEU C 173 -15.17 8.41 -3.90
C LEU C 173 -15.27 7.53 -5.13
N PRO C 174 -14.81 8.00 -6.27
CA PRO C 174 -14.80 7.17 -7.48
C PRO C 174 -13.59 6.27 -7.52
N VAL C 175 -13.69 5.21 -8.34
CA VAL C 175 -12.58 4.30 -8.50
C VAL C 175 -11.56 4.80 -9.51
N PHE C 176 -11.95 5.71 -10.40
CA PHE C 176 -11.08 6.27 -11.45
C PHE C 176 -10.58 5.10 -12.29
N THR C 177 -9.28 5.07 -12.64
CA THR C 177 -8.71 3.97 -13.40
C THR C 177 -7.90 3.03 -12.53
N LEU C 178 -8.23 2.95 -11.23
CA LEU C 178 -7.54 2.02 -10.34
C LEU C 178 -7.67 0.56 -10.77
N PRO C 179 -8.84 0.05 -11.19
CA PRO C 179 -8.89 -1.33 -11.69
C PRO C 179 -7.96 -1.56 -12.87
N PHE C 180 -7.90 -0.62 -13.82
CA PHE C 180 -7.01 -0.77 -14.96
C PHE C 180 -5.56 -0.76 -14.52
N ASN C 181 -5.20 0.13 -13.60
CA ASN C 181 -3.82 0.19 -13.13
C ASN C 181 -3.42 -1.10 -12.43
N MET C 182 -4.29 -1.61 -11.56
CA MET C 182 -3.99 -2.85 -10.86
C MET C 182 -3.85 -4.01 -11.84
N ALA C 183 -4.78 -4.12 -12.79
CA ALA C 183 -4.73 -5.22 -13.76
C ALA C 183 -3.48 -5.14 -14.62
N LEU C 184 -3.12 -3.95 -15.10
CA LEU C 184 -1.97 -3.82 -15.97
C LEU C 184 -0.68 -4.06 -15.21
N SER C 185 -0.58 -3.56 -13.97
CA SER C 185 0.60 -3.84 -13.17
C SER C 185 0.76 -5.33 -12.91
N MET C 186 -0.34 -6.00 -12.57
CA MET C 186 -0.28 -7.44 -12.33
C MET C 186 0.14 -8.19 -13.58
N TYR C 187 -0.44 -7.84 -14.73
CA TYR C 187 -0.12 -8.54 -15.97
C TYR C 187 1.34 -8.30 -16.37
N LEU C 188 1.80 -7.05 -16.30
CA LEU C 188 3.16 -6.74 -16.74
C LEU C 188 4.20 -7.29 -15.78
N SER C 189 3.84 -7.48 -14.51
CA SER C 189 4.74 -8.18 -13.60
C SER C 189 4.74 -9.67 -13.89
N ALA C 190 3.57 -10.25 -14.17
CA ALA C 190 3.49 -11.68 -14.45
C ALA C 190 4.28 -12.06 -15.70
N THR C 191 4.12 -11.28 -16.77
CA THR C 191 4.81 -11.61 -18.01
C THR C 191 6.25 -11.11 -18.01
N GLY C 192 6.44 -9.81 -17.92
CA GLY C 192 7.77 -9.23 -17.95
C GLY C 192 8.34 -9.18 -19.36
N HIS C 193 9.58 -8.70 -19.44
CA HIS C 193 10.24 -8.57 -20.73
C HIS C 193 10.73 -9.91 -21.26
N TYR C 194 11.03 -10.87 -20.39
CA TYR C 194 11.64 -12.13 -20.78
C TYR C 194 10.63 -13.29 -20.78
N ASN C 195 9.37 -13.00 -21.01
CA ASN C 195 8.37 -14.07 -21.12
C ASN C 195 8.45 -14.70 -22.50
N PRO C 196 8.55 -16.03 -22.59
CA PRO C 196 8.58 -16.67 -23.92
C PRO C 196 7.34 -16.42 -24.76
N PHE C 197 6.18 -16.26 -24.13
CA PHE C 197 4.93 -16.14 -24.86
C PHE C 197 4.57 -14.69 -25.16
N PHE C 198 4.48 -13.85 -24.12
CA PHE C 198 4.05 -12.46 -24.26
C PHE C 198 5.08 -11.55 -23.61
N PRO C 199 6.22 -11.33 -24.27
CA PRO C 199 7.20 -10.38 -23.74
C PRO C 199 6.66 -8.97 -23.73
N ALA C 200 7.07 -8.20 -22.72
CA ALA C 200 6.68 -6.81 -22.56
C ALA C 200 7.86 -5.90 -22.88
N LYS C 201 7.55 -4.66 -23.24
CA LYS C 201 8.60 -3.69 -23.53
C LYS C 201 9.42 -3.40 -22.29
N LEU C 202 10.75 -3.41 -22.46
CA LEU C 202 11.65 -3.20 -21.33
C LEU C 202 11.56 -1.78 -20.81
N VAL C 203 11.53 -1.64 -19.49
CA VAL C 203 11.55 -0.34 -18.82
C VAL C 203 12.86 -0.23 -18.08
N ILE C 204 13.68 0.74 -18.46
CA ILE C 204 15.01 0.94 -17.91
C ILE C 204 14.99 2.17 -17.02
N PRO C 205 15.38 2.06 -15.75
CA PRO C 205 15.47 3.25 -14.90
C PRO C 205 16.58 4.17 -15.39
N ILE C 206 16.42 5.47 -15.07
CA ILE C 206 17.41 6.45 -15.49
C ILE C 206 18.74 6.17 -14.79
N THR C 207 19.80 6.06 -15.59
CA THR C 207 21.12 5.68 -15.10
C THR C 207 22.11 6.84 -15.10
N THR C 208 22.07 7.72 -16.08
CA THR C 208 22.98 8.85 -16.17
C THR C 208 22.19 10.15 -16.22
N ALA C 209 22.86 11.24 -15.86
CA ALA C 209 22.23 12.55 -15.88
C ALA C 209 22.01 12.99 -17.32
N PRO C 210 20.78 13.35 -17.71
CA PRO C 210 20.55 13.78 -19.09
C PRO C 210 21.23 15.09 -19.40
N GLN C 211 21.65 15.24 -20.65
CA GLN C 211 22.21 16.48 -21.16
C GLN C 211 21.14 17.17 -22.00
N ILE C 212 20.67 18.32 -21.53
CA ILE C 212 19.58 19.05 -22.17
C ILE C 212 20.16 20.31 -22.79
N SER C 213 19.97 20.45 -24.10
CA SER C 213 20.36 21.67 -24.81
C SER C 213 19.15 22.59 -24.86
N TRP C 214 19.12 23.56 -23.93
CA TRP C 214 17.95 24.43 -23.82
C TRP C 214 17.80 25.36 -25.02
N SER C 215 18.86 25.55 -25.82
CA SER C 215 18.74 26.31 -27.05
C SER C 215 18.01 25.56 -28.14
N ASP C 216 17.82 24.25 -27.98
CA ASP C 216 17.11 23.44 -28.96
C ASP C 216 15.63 23.29 -28.64
N LEU C 217 15.15 23.93 -27.57
CA LEU C 217 13.73 23.87 -27.23
C LEU C 217 12.90 24.54 -28.30
N SER C 218 11.83 23.86 -28.73
CA SER C 218 10.98 24.33 -29.82
C SER C 218 9.62 24.73 -29.26
N ALA C 219 9.22 25.97 -29.51
CA ALA C 219 7.91 26.42 -29.07
C ALA C 219 6.80 25.68 -29.82
N LEU C 220 7.00 25.41 -31.10
CA LEU C 220 6.00 24.68 -31.88
C LEU C 220 5.81 23.27 -31.35
N GLU C 221 6.91 22.58 -31.02
CA GLU C 221 6.80 21.25 -30.45
C GLU C 221 6.15 21.28 -29.08
N LEU C 222 6.47 22.28 -28.27
CA LEU C 222 5.82 22.43 -26.97
C LEU C 222 4.32 22.62 -27.12
N LEU C 223 3.90 23.44 -28.08
CA LEU C 223 2.47 23.64 -28.31
C LEU C 223 1.81 22.36 -28.83
N LYS C 224 2.50 21.64 -29.71
CA LYS C 224 1.97 20.40 -30.27
C LYS C 224 1.89 19.28 -29.23
N SER C 225 2.69 19.35 -28.18
CA SER C 225 2.65 18.32 -27.15
C SER C 225 1.39 18.37 -26.29
N ILE C 226 0.56 19.41 -26.42
CA ILE C 226 -0.68 19.49 -25.65
C ILE C 226 -1.69 18.48 -26.22
N PRO C 227 -1.99 18.50 -27.53
CA PRO C 227 -2.84 17.41 -28.06
C PRO C 227 -2.22 16.03 -27.85
N VAL C 228 -0.91 15.91 -27.97
CA VAL C 228 -0.25 14.63 -27.72
C VAL C 228 -0.41 14.24 -26.26
N GLY C 229 -0.30 15.21 -25.35
CA GLY C 229 -0.52 14.92 -23.94
C GLY C 229 -1.93 14.45 -23.65
N VAL C 230 -2.92 15.06 -24.30
CA VAL C 230 -4.30 14.60 -24.12
C VAL C 230 -4.51 13.22 -24.73
N GLY C 231 -3.89 12.96 -25.88
CA GLY C 231 -4.05 11.66 -26.52
C GLY C 231 -3.30 10.53 -25.86
N GLN C 232 -2.28 10.84 -25.07
CA GLN C 232 -1.53 9.79 -24.36
C GLN C 232 -2.31 9.18 -23.21
N ILE C 233 -3.53 9.65 -22.94
CA ILE C 233 -4.40 8.96 -21.98
C ILE C 233 -4.67 7.55 -22.45
N TYR C 234 -4.86 7.36 -23.75
CA TYR C 234 -5.00 6.06 -24.36
C TYR C 234 -3.68 5.49 -24.85
N GLY C 235 -2.56 6.09 -24.46
CA GLY C 235 -1.27 5.61 -24.92
C GLY C 235 -0.96 5.92 -26.37
N CYS C 236 -1.60 6.93 -26.94
CA CYS C 236 -1.42 7.31 -28.33
C CYS C 236 -0.62 8.60 -28.41
N ASP C 237 0.45 8.59 -29.23
CA ASP C 237 1.33 9.73 -29.38
C ASP C 237 1.03 10.54 -30.64
N ASN C 238 -0.02 10.20 -31.38
CA ASN C 238 -0.35 10.93 -32.59
C ASN C 238 -1.01 12.25 -32.24
N PRO C 239 -0.51 13.39 -32.72
CA PRO C 239 -1.19 14.66 -32.45
C PRO C 239 -2.59 14.72 -33.03
N TRP C 240 -2.84 14.08 -34.17
CA TRP C 240 -4.18 14.03 -34.73
C TRP C 240 -5.12 13.24 -33.82
N THR C 241 -4.64 12.14 -33.25
CA THR C 241 -5.45 11.37 -32.32
C THR C 241 -5.81 12.18 -31.08
N GLY C 242 -4.83 12.93 -30.55
CA GLY C 242 -5.12 13.78 -29.41
C GLY C 242 -6.09 14.90 -29.75
N GLY C 243 -5.96 15.47 -30.95
CA GLY C 243 -6.93 16.48 -31.38
C GLY C 243 -8.33 15.91 -31.50
N ILE C 244 -8.46 14.69 -32.02
CA ILE C 244 -9.76 14.05 -32.12
C ILE C 244 -10.33 13.77 -30.74
N PHE C 245 -9.47 13.34 -29.80
CA PHE C 245 -9.93 13.11 -28.43
C PHE C 245 -10.41 14.41 -27.80
N LEU C 246 -9.67 15.50 -28.00
CA LEU C 246 -10.09 16.80 -27.47
C LEU C 246 -11.40 17.25 -28.11
N GLY C 247 -11.58 16.99 -29.39
CA GLY C 247 -12.84 17.32 -30.04
C GLY C 247 -14.01 16.53 -29.48
N ALA C 248 -13.79 15.24 -29.19
CA ALA C 248 -14.84 14.43 -28.58
C ALA C 248 -15.18 14.94 -27.19
N ILE C 249 -14.17 15.28 -26.40
CA ILE C 249 -14.42 15.81 -25.06
C ILE C 249 -15.18 17.13 -25.14
N LEU C 250 -14.80 18.00 -26.09
CA LEU C 250 -15.52 19.25 -26.29
C LEU C 250 -16.96 19.02 -26.70
N LEU C 251 -17.19 18.00 -27.53
CA LEU C 251 -18.56 17.64 -27.88
C LEU C 251 -19.34 17.23 -26.64
N SER C 252 -18.72 16.46 -25.76
CA SER C 252 -19.38 16.12 -24.49
C SER C 252 -19.56 17.35 -23.62
N SER C 253 -18.50 18.11 -23.40
CA SER C 253 -18.55 19.32 -22.58
C SER C 253 -17.35 20.23 -22.87
N PRO C 254 -17.59 21.50 -23.23
CA PRO C 254 -16.45 22.40 -23.51
C PRO C 254 -15.55 22.60 -22.31
N LEU C 255 -16.11 22.64 -21.09
CA LEU C 255 -15.30 22.86 -19.90
C LEU C 255 -14.33 21.71 -19.67
N MET C 256 -14.77 20.48 -19.90
CA MET C 256 -13.89 19.33 -19.77
C MET C 256 -12.73 19.40 -20.75
N CYS C 257 -13.01 19.80 -22.00
CA CYS C 257 -11.94 19.95 -22.98
C CYS C 257 -10.96 21.04 -22.60
N LEU C 258 -11.47 22.17 -22.11
CA LEU C 258 -10.58 23.24 -21.67
C LEU C 258 -9.70 22.79 -20.51
N HIS C 259 -10.29 22.06 -19.55
CA HIS C 259 -9.51 21.58 -18.42
C HIS C 259 -8.50 20.53 -18.85
N ALA C 260 -8.84 19.69 -19.83
CA ALA C 260 -7.86 18.73 -20.35
C ALA C 260 -6.68 19.44 -20.99
N ALA C 261 -6.95 20.46 -21.80
CA ALA C 261 -5.87 21.22 -22.43
C ALA C 261 -5.00 21.90 -21.37
N ILE C 262 -5.64 22.50 -20.35
CA ILE C 262 -4.88 23.19 -19.31
C ILE C 262 -4.05 22.19 -18.51
N GLY C 263 -4.60 21.00 -18.25
CA GLY C 263 -3.84 19.99 -17.54
C GLY C 263 -2.64 19.50 -18.33
N SER C 264 -2.80 19.31 -19.64
CA SER C 264 -1.66 18.95 -20.47
C SER C 264 -0.60 20.04 -20.46
N LEU C 265 -1.03 21.30 -20.56
CA LEU C 265 -0.06 22.41 -20.51
C LEU C 265 0.66 22.46 -19.17
N LEU C 266 -0.06 22.23 -18.07
CA LEU C 266 0.56 22.23 -16.75
C LEU C 266 1.53 21.06 -16.60
N GLY C 267 1.21 19.91 -17.18
CA GLY C 267 2.17 18.82 -17.19
C GLY C 267 3.43 19.17 -17.96
N ILE C 268 3.28 19.84 -19.09
CA ILE C 268 4.46 20.30 -19.84
C ILE C 268 5.28 21.27 -19.00
N ALA C 269 4.61 22.20 -18.31
CA ALA C 269 5.33 23.15 -17.47
C ALA C 269 6.07 22.45 -16.33
N ALA C 270 5.43 21.46 -15.70
CA ALA C 270 6.09 20.71 -14.64
C ALA C 270 7.29 19.93 -15.19
N GLY C 271 7.17 19.38 -16.39
CA GLY C 271 8.29 18.69 -16.99
C GLY C 271 9.45 19.64 -17.28
N LEU C 272 9.14 20.86 -17.73
CA LEU C 272 10.19 21.85 -17.96
C LEU C 272 10.83 22.28 -16.63
N SER C 273 10.05 22.34 -15.55
CA SER C 273 10.59 22.79 -14.27
C SER C 273 11.60 21.81 -13.70
N LEU C 274 11.50 20.53 -14.05
CA LEU C 274 12.40 19.50 -13.53
C LEU C 274 13.50 19.14 -14.53
N SER C 275 13.67 19.91 -15.59
CA SER C 275 14.69 19.66 -16.62
C SER C 275 14.54 18.27 -17.22
N ALA C 276 13.30 17.87 -17.51
CA ALA C 276 13.05 16.60 -18.14
C ALA C 276 13.55 16.62 -19.59
N PRO C 277 13.92 15.46 -20.14
CA PRO C 277 14.32 15.40 -21.55
C PRO C 277 13.20 15.89 -22.46
N PHE C 278 13.59 16.61 -23.51
CA PHE C 278 12.60 17.21 -24.40
C PHE C 278 11.80 16.14 -25.14
N GLU C 279 12.40 14.98 -25.39
CA GLU C 279 11.68 13.91 -26.08
C GLU C 279 10.52 13.39 -25.26
N ASP C 280 10.70 13.29 -23.94
CA ASP C 280 9.61 12.85 -23.07
C ASP C 280 8.46 13.87 -23.06
N ILE C 281 8.80 15.16 -23.07
CA ILE C 281 7.76 16.19 -23.08
C ILE C 281 7.02 16.19 -24.42
N TYR C 282 7.76 16.08 -25.52
CA TYR C 282 7.14 16.07 -26.84
C TYR C 282 6.28 14.83 -27.07
N PHE C 283 6.56 13.74 -26.36
CA PHE C 283 5.82 12.49 -26.52
C PHE C 283 4.53 12.47 -25.72
N GLY C 284 4.25 13.53 -24.95
CA GLY C 284 3.04 13.58 -24.15
C GLY C 284 3.07 12.73 -22.89
N LEU C 285 4.23 12.21 -22.52
CA LEU C 285 4.36 11.38 -21.32
C LEU C 285 4.21 12.18 -20.03
N TRP C 286 4.27 13.51 -20.10
CA TRP C 286 4.17 14.36 -18.93
C TRP C 286 2.79 14.95 -18.73
N GLY C 287 1.91 14.89 -19.73
CA GLY C 287 0.65 15.58 -19.64
C GLY C 287 -0.59 14.72 -19.60
N PHE C 288 -0.44 13.40 -19.74
CA PHE C 288 -1.62 12.54 -19.78
C PHE C 288 -2.17 12.23 -18.40
N ASN C 289 -1.41 12.47 -17.33
CA ASN C 289 -1.93 12.33 -15.98
C ASN C 289 -2.50 13.64 -15.45
N SER C 290 -1.80 14.74 -15.69
CA SER C 290 -2.28 16.04 -15.24
C SER C 290 -3.55 16.46 -15.99
N SER C 291 -3.68 16.08 -17.26
CA SER C 291 -4.90 16.37 -18.00
C SER C 291 -6.10 15.66 -17.38
N LEU C 292 -5.94 14.37 -17.04
CA LEU C 292 -7.01 13.64 -16.38
C LEU C 292 -7.33 14.24 -15.01
N ALA C 293 -6.29 14.62 -14.26
CA ALA C 293 -6.52 15.21 -12.95
C ALA C 293 -7.27 16.53 -13.06
N CYS C 294 -6.94 17.34 -14.05
CA CYS C 294 -7.64 18.61 -14.24
C CYS C 294 -9.07 18.39 -14.71
N ILE C 295 -9.31 17.36 -15.54
CA ILE C 295 -10.68 17.04 -15.92
C ILE C 295 -11.49 16.64 -14.70
N ALA C 296 -10.92 15.77 -13.85
CA ALA C 296 -11.66 15.24 -12.72
C ALA C 296 -11.90 16.31 -11.66
N MET C 297 -10.87 17.07 -11.30
CA MET C 297 -10.99 18.05 -10.24
C MET C 297 -11.68 19.33 -10.70
N GLY C 298 -11.74 19.59 -12.00
CA GLY C 298 -12.39 20.80 -12.48
C GLY C 298 -13.78 20.57 -13.02
N GLY C 299 -14.79 20.88 -12.21
CA GLY C 299 -16.17 20.78 -12.65
C GLY C 299 -16.78 19.40 -12.59
N MET C 300 -15.95 18.36 -12.68
CA MET C 300 -16.48 17.01 -12.80
C MET C 300 -16.89 16.44 -11.45
N PHE C 301 -15.93 16.28 -10.54
CA PHE C 301 -16.20 15.74 -9.21
C PHE C 301 -16.18 16.81 -8.12
N MET C 302 -15.83 18.04 -8.46
CA MET C 302 -15.97 19.18 -7.58
C MET C 302 -16.70 20.29 -8.33
N ALA C 303 -17.58 20.99 -7.63
CA ALA C 303 -18.35 22.06 -8.26
C ALA C 303 -17.41 23.11 -8.84
N LEU C 304 -17.74 23.60 -10.04
CA LEU C 304 -16.84 24.48 -10.77
C LEU C 304 -16.98 25.91 -10.25
N THR C 305 -15.92 26.40 -9.62
CA THR C 305 -15.78 27.79 -9.24
C THR C 305 -14.35 28.21 -9.54
N TRP C 306 -14.07 29.51 -9.43
CA TRP C 306 -12.70 29.96 -9.66
C TRP C 306 -11.76 29.40 -8.59
N GLN C 307 -12.24 29.27 -7.35
CA GLN C 307 -11.45 28.61 -6.32
C GLN C 307 -11.17 27.16 -6.68
N THR C 308 -12.20 26.44 -7.12
CA THR C 308 -11.98 25.05 -7.54
C THR C 308 -11.21 24.97 -8.84
N HIS C 309 -11.27 26.01 -9.68
CA HIS C 309 -10.43 26.05 -10.87
C HIS C 309 -8.96 26.12 -10.48
N LEU C 310 -8.62 27.00 -9.54
CA LEU C 310 -7.24 27.08 -9.06
C LEU C 310 -6.83 25.79 -8.36
N LEU C 311 -7.76 25.18 -7.61
CA LEU C 311 -7.48 23.90 -6.98
C LEU C 311 -7.19 22.82 -8.02
N ALA C 312 -7.93 22.84 -9.13
CA ALA C 312 -7.69 21.89 -10.21
C ALA C 312 -6.33 22.13 -10.87
N LEU C 313 -5.94 23.39 -11.04
CA LEU C 313 -4.61 23.68 -11.57
C LEU C 313 -3.52 23.14 -10.65
N GLY C 314 -3.67 23.38 -9.34
CA GLY C 314 -2.71 22.86 -8.39
C GLY C 314 -2.68 21.34 -8.37
N CYS C 315 -3.84 20.71 -8.50
CA CYS C 315 -3.92 19.26 -8.55
C CYS C 315 -3.24 18.72 -9.80
N ALA C 316 -3.38 19.42 -10.93
CA ALA C 316 -2.70 19.01 -12.15
C ALA C 316 -1.19 19.09 -12.00
N LEU C 317 -0.69 20.18 -11.40
CA LEU C 317 0.75 20.29 -11.16
C LEU C 317 1.24 19.19 -10.23
N PHE C 318 0.52 18.97 -9.13
CA PHE C 318 0.88 17.91 -8.19
C PHE C 318 0.82 16.55 -8.86
N THR C 319 -0.13 16.34 -9.76
CA THR C 319 -0.26 15.08 -10.46
C THR C 319 0.89 14.85 -11.42
N ALA C 320 1.35 15.89 -12.11
CA ALA C 320 2.52 15.74 -12.98
C ALA C 320 3.76 15.40 -12.16
N TYR C 321 3.96 16.07 -11.04
CA TYR C 321 5.12 15.77 -10.20
C TYR C 321 5.05 14.36 -9.63
N LEU C 322 3.87 13.96 -9.14
CA LEU C 322 3.69 12.58 -8.69
C LEU C 322 3.87 11.60 -9.83
N GLY C 323 3.52 12.01 -11.05
CA GLY C 323 3.68 11.13 -12.20
C GLY C 323 5.13 10.83 -12.49
N VAL C 324 5.97 11.87 -12.49
CA VAL C 324 7.39 11.61 -12.70
C VAL C 324 7.98 10.84 -11.53
N GLY C 325 7.52 11.13 -10.30
CA GLY C 325 8.00 10.39 -9.15
C GLY C 325 7.67 8.91 -9.23
N MET C 326 6.43 8.58 -9.56
CA MET C 326 6.03 7.18 -9.66
C MET C 326 6.65 6.51 -10.87
N ALA C 327 6.85 7.22 -11.98
CA ALA C 327 7.55 6.62 -13.11
C ALA C 327 8.95 6.23 -12.72
N ASN C 328 9.67 7.12 -12.02
CA ASN C 328 11.02 6.78 -11.55
C ASN C 328 10.98 5.64 -10.54
N PHE C 329 9.96 5.60 -9.68
CA PHE C 329 9.89 4.57 -8.66
C PHE C 329 9.67 3.18 -9.28
N MET C 330 8.68 3.06 -10.16
CA MET C 330 8.40 1.77 -10.77
C MET C 330 9.32 1.43 -11.94
N ALA C 331 10.16 2.37 -12.39
CA ALA C 331 11.21 1.98 -13.32
C ALA C 331 12.24 1.07 -12.68
N GLU C 332 12.36 1.12 -11.34
CA GLU C 332 13.28 0.24 -10.63
C GLU C 332 12.74 -1.19 -10.50
N VAL C 333 11.45 -1.39 -10.74
CA VAL C 333 10.85 -2.72 -10.73
C VAL C 333 10.41 -3.15 -12.12
N GLY C 334 10.80 -2.41 -13.16
CA GLY C 334 10.46 -2.78 -14.51
C GLY C 334 9.01 -2.54 -14.90
N LEU C 335 8.34 -1.58 -14.28
CA LEU C 335 6.94 -1.33 -14.55
C LEU C 335 6.71 0.12 -14.94
N PRO C 336 5.77 0.38 -15.84
CA PRO C 336 5.36 1.76 -16.10
C PRO C 336 4.34 2.25 -15.07
N ALA C 337 4.43 3.55 -14.77
CA ALA C 337 3.49 4.14 -13.81
C ALA C 337 2.06 4.14 -14.34
N CYS C 338 1.90 4.42 -15.63
CA CYS C 338 0.59 4.49 -16.29
C CYS C 338 -0.23 5.59 -15.59
N THR C 339 -1.44 5.30 -15.13
CA THR C 339 -2.30 6.31 -14.50
C THR C 339 -2.39 6.14 -12.99
N TRP C 340 -1.44 5.43 -12.38
CA TRP C 340 -1.37 5.39 -10.92
C TRP C 340 -1.28 6.78 -10.30
N PRO C 341 -0.38 7.68 -10.74
CA PRO C 341 -0.32 9.00 -10.11
C PRO C 341 -1.59 9.80 -10.23
N PHE C 342 -2.28 9.71 -11.37
CA PHE C 342 -3.53 10.45 -11.53
C PHE C 342 -4.57 10.01 -10.51
N CYS C 343 -4.78 8.70 -10.39
CA CYS C 343 -5.74 8.19 -9.43
C CYS C 343 -5.35 8.57 -8.01
N LEU C 344 -4.08 8.40 -7.66
CA LEU C 344 -3.64 8.68 -6.30
C LEU C 344 -3.81 10.16 -5.96
N ALA C 345 -3.37 11.05 -6.85
CA ALA C 345 -3.45 12.48 -6.58
C ALA C 345 -4.90 12.96 -6.55
N THR C 346 -5.73 12.47 -7.47
CA THR C 346 -7.13 12.89 -7.48
C THR C 346 -7.86 12.42 -6.23
N LEU C 347 -7.61 11.18 -5.81
CA LEU C 347 -8.20 10.70 -4.56
C LEU C 347 -7.70 11.51 -3.37
N LEU C 348 -6.42 11.85 -3.36
CA LEU C 348 -5.86 12.64 -2.27
C LEU C 348 -6.53 14.01 -2.20
N PHE C 349 -6.74 14.64 -3.34
CA PHE C 349 -7.35 15.97 -3.35
C PHE C 349 -8.83 15.91 -3.06
N LEU C 350 -9.50 14.81 -3.41
CA LEU C 350 -10.92 14.67 -3.11
C LEU C 350 -11.17 14.37 -1.63
N ILE C 351 -10.28 13.60 -1.00
CA ILE C 351 -10.45 13.28 0.41
C ILE C 351 -10.20 14.51 1.28
N MET C 352 -9.27 15.37 0.88
CA MET C 352 -8.94 16.54 1.66
C MET C 352 -10.16 17.43 1.85
N THR C 353 -10.35 17.89 3.09
CA THR C 353 -11.50 18.69 3.47
C THR C 353 -11.07 20.09 3.87
N THR C 354 -11.81 21.09 3.41
CA THR C 354 -11.57 22.49 3.74
C THR C 354 -12.85 23.10 4.28
N LYS C 355 -12.69 24.11 5.13
CA LYS C 355 -13.83 24.86 5.66
C LYS C 355 -14.17 26.05 4.75
N ASN C 356 -14.34 25.77 3.47
CA ASN C 356 -14.66 26.79 2.48
C ASN C 356 -15.93 26.36 1.74
N SER C 357 -16.94 27.23 1.76
CA SER C 357 -18.20 26.90 1.12
C SER C 357 -18.08 26.85 -0.39
N ASN C 358 -17.14 27.62 -0.96
CA ASN C 358 -16.98 27.66 -2.41
C ASN C 358 -16.18 26.49 -2.95
N ILE C 359 -15.50 25.72 -2.10
CA ILE C 359 -14.81 24.52 -2.51
C ILE C 359 -15.73 23.36 -2.15
N TYR C 360 -16.56 22.96 -3.12
CA TYR C 360 -17.63 22.01 -2.88
C TYR C 360 -17.35 20.70 -3.61
N LYS C 361 -17.44 19.59 -2.88
CA LYS C 361 -17.30 18.26 -3.46
C LYS C 361 -18.68 17.72 -3.78
N MET C 362 -18.91 17.45 -5.07
CA MET C 362 -20.24 17.03 -5.49
C MET C 362 -20.57 15.63 -4.99
N PRO C 363 -21.83 15.35 -4.66
CA PRO C 363 -22.20 13.97 -4.34
C PRO C 363 -21.99 13.05 -5.54
N LEU C 364 -21.61 11.81 -5.26
CA LEU C 364 -21.29 10.87 -6.33
C LEU C 364 -22.49 10.53 -7.19
N SER C 365 -23.71 10.66 -6.66
CA SER C 365 -24.90 10.27 -7.40
C SER C 365 -25.40 11.35 -8.34
N LYS C 366 -24.89 12.58 -8.24
CA LYS C 366 -25.34 13.68 -9.07
C LYS C 366 -24.27 14.16 -10.05
N VAL C 367 -23.16 13.43 -10.18
CA VAL C 367 -22.06 13.84 -11.05
C VAL C 367 -22.35 13.37 -12.47
N THR C 368 -22.65 14.32 -13.36
CA THR C 368 -22.85 14.01 -14.77
C THR C 368 -21.81 14.70 -15.65
N TYR C 369 -21.72 16.01 -15.61
CA TYR C 369 -20.73 16.77 -16.37
C TYR C 369 -20.70 18.20 -15.82
N PRO C 370 -19.61 18.95 -16.07
CA PRO C 370 -19.41 20.21 -15.34
C PRO C 370 -20.53 21.21 -15.42
N GLU C 371 -21.23 21.32 -16.55
CA GLU C 371 -22.33 22.29 -16.65
C GLU C 371 -23.47 21.93 -15.70
N GLU C 372 -23.94 20.68 -15.76
CA GLU C 372 -24.99 20.24 -14.86
C GLU C 372 -24.52 20.25 -13.42
N ASN C 373 -23.25 19.92 -13.18
CA ASN C 373 -22.70 19.96 -11.83
C ASN C 373 -22.76 21.37 -11.26
N ARG C 374 -22.35 22.36 -12.06
CA ARG C 374 -22.39 23.75 -11.61
C ARG C 374 -23.82 24.21 -11.39
N ILE C 375 -24.76 23.80 -12.26
CA ILE C 375 -26.15 24.17 -12.07
C ILE C 375 -26.68 23.61 -10.76
N PHE C 376 -26.38 22.34 -10.49
CA PHE C 376 -26.84 21.72 -9.24
C PHE C 376 -26.22 22.40 -8.03
N TYR C 377 -24.92 22.74 -8.12
CA TYR C 377 -24.27 23.41 -7.01
C TYR C 377 -24.87 24.78 -6.75
N LEU C 378 -25.17 25.52 -7.81
CA LEU C 378 -25.79 26.83 -7.65
C LEU C 378 -27.19 26.70 -7.04
N GLN C 379 -27.94 25.68 -7.46
CA GLN C 379 -29.26 25.48 -6.88
C GLN C 379 -29.16 25.11 -5.40
N ALA C 380 -28.19 24.27 -5.04
CA ALA C 380 -28.04 23.87 -3.64
C ALA C 380 -27.52 25.01 -2.78
N LYS C 381 -26.72 25.91 -3.34
CA LYS C 381 -26.19 27.02 -2.56
C LYS C 381 -27.30 27.97 -2.11
N LYS C 382 -28.26 28.24 -2.99
CA LYS C 382 -29.38 29.11 -2.66
C LYS C 382 -30.54 28.32 -2.06
C URE D . 6.08 -18.01 -8.95
O URE D . 5.02 -18.13 -9.55
N1 URE D . 7.27 -17.81 -9.59
N2 URE D . 6.16 -18.05 -7.60
C URE E . 2.15 -18.82 -8.30
O URE E . 2.16 -18.34 -9.43
N1 URE E . 3.28 -19.06 -7.59
N2 URE E . 0.98 -19.14 -7.66
C URE F . 7.29 -21.13 -0.56
O URE F . 6.34 -21.87 -0.34
N1 URE F . 8.47 -21.57 -1.06
N2 URE F . 7.23 -19.78 -0.32
C URE G . 4.61 -20.26 1.72
O URE G . 5.36 -19.42 1.24
N1 URE G . 4.57 -21.56 1.28
N2 URE G . 3.73 -19.98 2.74
C URE H . -8.22 -18.93 9.23
O URE H . -7.91 -17.98 8.52
N1 URE H . -7.40 -19.99 9.45
N2 URE H . -9.43 -18.98 9.87
C1 PLM I . -3.60 1.97 8.55
O1 PLM I . -3.84 3.20 8.55
O2 PLM I . -4.28 1.09 7.96
C2 PLM I . -2.36 1.50 9.33
C3 PLM I . -1.77 0.17 8.89
C4 PLM I . -0.51 -0.19 9.66
C5 PLM I . 0.26 -1.38 9.10
C6 PLM I . 1.67 -1.57 9.65
C7 PLM I . 2.48 -2.65 8.93
C8 PLM I . 3.95 -2.64 9.31
C9 PLM I . 4.75 -3.73 8.60
CA PLM I . 4.43 -3.88 7.11
CB PLM I . 5.42 -4.76 6.34
CC PLM I . 6.74 -4.05 6.08
CD PLM I . 7.81 -4.98 5.52
CE PLM I . 9.13 -4.30 5.16
CF PLM I . 9.11 -3.59 3.81
CG PLM I . 8.62 -4.48 2.68
C1 PLM J . 2.20 -18.95 -28.01
O1 PLM J . 2.29 -17.71 -28.03
O2 PLM J . 3.02 -19.76 -28.50
C2 PLM J . 0.96 -19.55 -27.32
C3 PLM J . 0.20 -18.60 -26.40
C4 PLM J . -1.12 -19.18 -25.92
C5 PLM J . -1.03 -19.99 -24.63
C6 PLM J . -1.56 -19.27 -23.38
C7 PLM J . -3.02 -18.85 -23.49
C8 PLM J . -3.59 -18.29 -22.18
C9 PLM J . -2.92 -17.00 -21.75
CA PLM J . -3.49 -16.42 -20.46
CB PLM J . -2.78 -15.16 -19.96
CC PLM J . -3.32 -14.70 -18.61
CD PLM J . -2.84 -13.31 -18.20
CE PLM J . -1.33 -13.17 -18.06
CF PLM J . -0.82 -13.12 -16.63
CG PLM J . -1.57 -12.11 -15.77
C1 PLM K . -23.16 -17.65 -13.66
O1 PLM K . -24.38 -17.69 -13.40
O2 PLM K . -22.56 -18.30 -14.54
C2 PLM K . -22.31 -16.71 -12.78
C3 PLM K . -21.36 -17.40 -11.81
C4 PLM K . -19.92 -16.93 -11.96
C5 PLM K . -19.36 -17.05 -13.37
C6 PLM K . -17.88 -17.42 -13.46
C7 PLM K . -16.92 -16.34 -12.96
C8 PLM K . -15.51 -16.84 -12.74
C9 PLM K . -14.52 -15.74 -12.41
CA PLM K . -13.72 -15.21 -13.61
CB PLM K . -12.29 -14.81 -13.30
CC PLM K . -11.45 -14.65 -14.55
CD PLM K . -9.95 -14.72 -14.28
CE PLM K . -9.12 -15.08 -15.52
CF PLM K . -7.64 -15.31 -15.24
CG PLM K . -6.89 -14.02 -14.94
C1 PLM L . -8.23 -3.84 1.86
O1 PLM L . -7.39 -2.95 1.59
O2 PLM L . -9.08 -3.79 2.76
C2 PLM L . -8.18 -5.11 0.98
C3 PLM L . -7.79 -4.89 -0.48
C4 PLM L . -7.86 -6.18 -1.30
C5 PLM L . -7.50 -6.00 -2.76
C6 PLM L . -6.07 -5.52 -3.04
C7 PLM L . -5.67 -5.59 -4.52
C8 PLM L . -5.35 -7.01 -4.99
C9 PLM L . -4.61 -7.02 -6.33
CA PLM L . -3.47 -6.02 -6.42
CB PLM L . -2.59 -6.17 -7.66
CC PLM L . -1.59 -5.02 -7.82
CD PLM L . -0.38 -5.40 -8.65
CE PLM L . 0.42 -6.58 -8.11
CF PLM L . 1.68 -6.92 -8.90
CG PLM L . 2.72 -5.82 -8.84
C1 PLM M . 25.40 -15.23 16.21
O1 PLM M . 24.62 -15.61 15.32
O2 PLM M . 26.64 -15.31 16.18
C2 PLM M . 24.75 -14.59 17.45
C3 PLM M . 23.41 -13.93 17.23
C4 PLM M . 22.87 -13.21 18.46
C5 PLM M . 21.54 -12.50 18.23
C6 PLM M . 20.94 -11.82 19.46
C7 PLM M . 19.58 -11.17 19.21
C8 PLM M . 18.55 -12.11 18.63
C9 PLM M . 18.13 -11.75 17.21
CA PLM M . 16.89 -10.88 17.12
CB PLM M . 16.34 -10.70 15.70
CC PLM M . 14.90 -10.22 15.69
CD PLM M . 14.35 -10.01 14.28
CE PLM M . 15.20 -9.10 13.41
CF PLM M . 14.64 -8.85 12.02
CG PLM M . 13.29 -8.15 12.05
C1 PLM N . 4.75 -24.59 -27.79
O1 PLM N . 4.66 -25.61 -28.50
O2 PLM N . 5.55 -23.63 -27.97
C2 PLM N . 3.81 -24.50 -26.58
C3 PLM N . 2.32 -24.47 -26.91
C4 PLM N . 1.47 -25.24 -25.91
C5 PLM N . 1.04 -24.44 -24.68
C6 PLM N . 0.13 -25.19 -23.73
C7 PLM N . -0.18 -24.44 -22.43
C8 PLM N . -1.03 -23.20 -22.63
C9 PLM N . -2.49 -23.42 -22.26
CA PLM N . -2.71 -24.10 -20.92
CB PLM N . -4.13 -23.98 -20.36
CC PLM N . -4.46 -22.58 -19.88
CD PLM N . -5.69 -22.54 -18.97
CE PLM N . -5.96 -21.18 -18.34
CF PLM N . -6.21 -20.05 -19.32
CG PLM N . -6.61 -18.75 -18.64
C URE O . 18.89 1.52 9.11
O URE O . 18.55 0.86 10.08
N1 URE O . 19.90 1.12 8.27
N2 URE O . 18.31 2.71 8.78
C URE P . 16.43 2.01 12.35
O URE P . 16.68 0.81 12.30
N1 URE P . 16.98 2.91 11.51
N2 URE P . 15.55 2.53 13.26
C URE Q . 17.55 10.54 8.72
O URE Q . 16.39 10.49 8.36
N1 URE Q . 18.58 10.06 7.97
N2 URE Q . 17.92 11.10 9.91
C URE R . 13.81 11.91 9.54
O URE R . 13.68 11.47 8.41
N1 URE R . 14.99 11.88 10.21
N2 URE R . 12.77 12.46 10.23
C URE S . 1.52 15.12 16.59
O URE S . 1.50 14.10 15.90
N1 URE S . 2.56 16.00 16.55
N2 URE S . 0.52 15.45 17.44
C1 PLM T . 18.34 25.72 -11.83
O1 PLM T . 19.31 26.18 -12.48
O2 PLM T . 18.41 24.93 -10.87
C2 PLM T . 16.94 26.17 -12.29
C3 PLM T . 15.81 25.90 -11.29
C4 PLM T . 14.44 26.24 -11.86
C5 PLM T . 13.28 25.64 -11.06
C6 PLM T . 11.89 26.11 -11.47
C7 PLM T . 10.76 25.35 -10.78
C8 PLM T . 10.95 25.19 -9.28
C9 PLM T . 11.11 23.73 -8.86
CA PLM T . 9.80 22.99 -8.58
CB PLM T . 9.98 21.60 -8.00
CC PLM T . 8.71 21.08 -7.36
CD PLM T . 8.85 19.67 -6.78
CE PLM T . 9.33 18.64 -7.78
CF PLM T . 9.43 17.21 -7.23
CG PLM T . 8.09 16.67 -6.76
C1 PLM U . 30.77 -11.70 18.51
O1 PLM U . 31.13 -11.29 19.62
O2 PLM U . 31.45 -12.37 17.69
C2 PLM U . 29.34 -11.34 18.07
C3 PLM U . 28.27 -11.43 19.14
C4 PLM U . 28.17 -10.16 20.00
C5 PLM U . 26.80 -9.94 20.62
C6 PLM U . 25.68 -9.60 19.65
C7 PLM U . 24.39 -9.13 20.33
C8 PLM U . 24.64 -8.17 21.48
C9 PLM U . 23.43 -7.30 21.79
CA PLM U . 22.11 -8.05 21.97
CB PLM U . 20.92 -7.16 22.26
CC PLM U . 19.58 -7.89 22.22
CD PLM U . 18.39 -6.95 22.28
CE PLM U . 17.03 -7.64 22.25
CF PLM U . 16.71 -8.34 20.94
CG PLM U . 15.25 -8.81 20.86
C1 PLM V . 1.76 -7.59 30.92
O1 PLM V . 0.93 -8.28 31.54
O2 PLM V . 2.99 -7.52 31.16
C2 PLM V . 1.23 -6.74 29.76
C3 PLM V . 2.27 -6.08 28.87
C4 PLM V . 3.01 -7.07 27.97
C5 PLM V . 4.02 -6.43 27.02
C6 PLM V . 4.90 -7.43 26.27
C7 PLM V . 5.84 -6.78 25.26
C8 PLM V . 5.13 -6.14 24.08
C9 PLM V . 5.93 -6.20 22.79
CA PLM V . 6.37 -7.61 22.39
CB PLM V . 6.92 -7.73 20.97
CC PLM V . 8.40 -7.38 20.87
CD PLM V . 8.99 -7.76 19.51
CE PLM V . 10.51 -7.60 19.42
CF PLM V . 11.12 -8.19 18.16
CG PLM V . 10.57 -7.55 16.88
C URE W . 7.33 10.49 -16.61
O URE W . 7.04 11.59 -16.17
N1 URE W . 8.63 10.11 -16.84
N2 URE W . 6.40 9.55 -16.91
C URE X . 4.11 12.80 -15.69
O URE X . 5.02 13.34 -15.09
N1 URE X . 4.33 11.77 -16.56
N2 URE X . 2.80 13.15 -15.54
C URE Y . 1.35 5.92 -21.56
O URE Y . 0.90 5.53 -20.49
N1 URE Y . 2.59 5.56 -22.01
N2 URE Y . 0.66 6.74 -22.39
C URE Z . -2.14 5.26 -19.69
O URE Z . -1.40 4.50 -19.08
N1 URE Z . -1.69 6.18 -20.57
N2 URE Z . -3.50 5.23 -19.52
C URE AA . -15.57 7.61 -14.44
O URE AA . -14.63 7.50 -13.67
N1 URE AA . -15.44 7.41 -15.79
N2 URE AA . -16.82 7.96 -14.03
C1 PLM BA . -8.45 31.00 -2.02
O1 PLM BA . -9.44 31.57 -1.54
O2 PLM BA . -7.59 31.51 -2.77
C2 PLM BA . -8.26 29.51 -1.65
C3 PLM BA . -8.56 28.51 -2.75
C4 PLM BA . -7.40 28.34 -3.73
C5 PLM BA . -6.32 27.37 -3.26
C6 PLM BA . -5.24 27.06 -4.30
C7 PLM BA . -4.38 25.84 -3.96
C8 PLM BA . -3.59 25.32 -5.15
C9 PLM BA . -2.79 24.06 -4.82
CA PLM BA . -1.55 24.29 -3.96
CB PLM BA . -0.52 23.17 -4.00
CC PLM BA . 0.27 23.14 -5.30
CD PLM BA . 1.48 22.21 -5.23
CE PLM BA . 2.41 22.30 -6.43
CF PLM BA . 3.75 21.59 -6.25
CG PLM BA . 3.61 20.09 -6.13
C1 PLM CA . -6.85 6.31 -0.73
O1 PLM CA . -7.95 6.49 -1.30
O2 PLM CA . -6.63 5.55 0.24
C2 PLM CA . -5.65 7.10 -1.29
C3 PLM CA . -5.43 8.48 -0.68
C4 PLM CA . -4.15 9.14 -1.17
C5 PLM CA . -2.90 8.32 -0.90
C6 PLM CA . -1.57 9.05 -1.10
C7 PLM CA . -1.34 9.54 -2.53
C8 PLM CA . 0.09 10.03 -2.77
C9 PLM CA . 1.13 8.98 -2.36
CA PLM CA . 2.58 9.36 -2.66
CB PLM CA . 3.59 8.27 -2.31
CC PLM CA . 5.01 8.66 -2.67
CD PLM CA . 5.26 8.76 -4.17
CE PLM CA . 5.52 7.43 -4.88
CF PLM CA . 6.99 7.00 -4.89
CG PLM CA . 7.36 6.11 -3.72
C1 PLM DA . 18.91 26.86 -17.91
O1 PLM DA . 19.81 26.26 -17.28
O2 PLM DA . 19.04 27.45 -19.01
C2 PLM DA . 17.51 26.87 -17.27
C3 PLM DA . 16.36 27.19 -18.22
C4 PLM DA . 15.03 26.62 -17.74
C5 PLM DA . 14.47 27.26 -16.47
C6 PLM DA . 13.17 26.65 -15.96
C7 PLM DA . 12.13 26.42 -17.05
C8 PLM DA . 10.77 27.03 -16.74
C9 PLM DA . 10.12 26.42 -15.50
CA PLM DA . 8.70 26.90 -15.21
CB PLM DA . 8.07 26.31 -13.97
CC PLM DA . 6.61 26.71 -13.79
CD PLM DA . 5.84 25.76 -12.86
CE PLM DA . 6.36 25.71 -11.44
CF PLM DA . 5.47 24.94 -10.47
CG PLM DA . 6.00 24.94 -9.04
#